data_4HP7
# 
_entry.id   4HP7 
# 
_audit_conform.dict_name       mmcif_pdbx.dic 
_audit_conform.dict_version    5.387 
_audit_conform.dict_location   http://mmcif.pdb.org/dictionaries/ascii/mmcif_pdbx.dic 
# 
loop_
_database_2.database_id 
_database_2.database_code 
_database_2.pdbx_database_accession 
_database_2.pdbx_DOI 
PDB   4HP7         pdb_00004hp7 10.2210/pdb4hp7/pdb 
NDB   NA2103       ?            ?                   
RCSB  RCSB075746   ?            ?                   
WWPDB D_1000075746 ?            ?                   
# 
loop_
_pdbx_audit_revision_history.ordinal 
_pdbx_audit_revision_history.data_content_type 
_pdbx_audit_revision_history.major_revision 
_pdbx_audit_revision_history.minor_revision 
_pdbx_audit_revision_history.revision_date 
1 'Structure model' 1 0 2013-10-23 
2 'Structure model' 1 1 2022-03-23 
3 'Structure model' 1 2 2024-02-28 
4 'Structure model' 1 3 2024-03-13 
# 
_pdbx_audit_revision_details.ordinal             1 
_pdbx_audit_revision_details.revision_ordinal    1 
_pdbx_audit_revision_details.data_content_type   'Structure model' 
_pdbx_audit_revision_details.provider            repository 
_pdbx_audit_revision_details.type                'Initial release' 
_pdbx_audit_revision_details.description         ? 
_pdbx_audit_revision_details.details             ? 
# 
loop_
_pdbx_audit_revision_group.ordinal 
_pdbx_audit_revision_group.revision_ordinal 
_pdbx_audit_revision_group.data_content_type 
_pdbx_audit_revision_group.group 
1 2 'Structure model' 'Data collection'        
2 2 'Structure model' 'Database references'    
3 2 'Structure model' 'Derived calculations'   
4 2 'Structure model' 'Refinement description' 
5 3 'Structure model' 'Data collection'        
6 4 'Structure model' 'Source and taxonomy'    
7 4 'Structure model' 'Structure summary'      
# 
loop_
_pdbx_audit_revision_category.ordinal 
_pdbx_audit_revision_category.revision_ordinal 
_pdbx_audit_revision_category.data_content_type 
_pdbx_audit_revision_category.category 
1  2 'Structure model' chem_comp             
2  2 'Structure model' database_2            
3  2 'Structure model' pdbx_struct_assembly  
4  2 'Structure model' pdbx_struct_oper_list 
5  2 'Structure model' software              
6  2 'Structure model' struct_conn           
7  3 'Structure model' chem_comp_atom        
8  3 'Structure model' chem_comp_bond        
9  4 'Structure model' entity                
10 4 'Structure model' pdbx_entity_src_syn   
# 
loop_
_pdbx_audit_revision_item.ordinal 
_pdbx_audit_revision_item.revision_ordinal 
_pdbx_audit_revision_item.data_content_type 
_pdbx_audit_revision_item.item 
1  2 'Structure model' '_chem_comp.type'                     
2  2 'Structure model' '_database_2.pdbx_DOI'                
3  2 'Structure model' '_database_2.pdbx_database_accession' 
4  2 'Structure model' '_struct_conn.pdbx_leaving_atom_flag' 
5  2 'Structure model' '_struct_conn.ptnr1_auth_comp_id'     
6  2 'Structure model' '_struct_conn.ptnr1_auth_seq_id'      
7  2 'Structure model' '_struct_conn.ptnr1_label_asym_id'    
8  2 'Structure model' '_struct_conn.ptnr1_label_atom_id'    
9  2 'Structure model' '_struct_conn.ptnr1_label_comp_id'    
10 2 'Structure model' '_struct_conn.ptnr2_auth_comp_id'     
11 2 'Structure model' '_struct_conn.ptnr2_auth_seq_id'      
12 2 'Structure model' '_struct_conn.ptnr2_label_asym_id'    
13 2 'Structure model' '_struct_conn.ptnr2_label_atom_id'    
14 2 'Structure model' '_struct_conn.ptnr2_label_comp_id'    
15 4 'Structure model' '_entity.details'                     
# 
_pdbx_database_status.status_code                     REL 
_pdbx_database_status.entry_id                        4HP7 
_pdbx_database_status.recvd_initial_deposition_date   2012-10-23 
_pdbx_database_status.deposit_site                    RCSB 
_pdbx_database_status.process_site                    RCSB 
_pdbx_database_status.status_code_sf                  REL 
_pdbx_database_status.status_code_mr                  ? 
_pdbx_database_status.SG_entry                        ? 
_pdbx_database_status.status_code_cs                  ? 
_pdbx_database_status.methods_development_category    ? 
_pdbx_database_status.pdb_format_compatible           Y 
_pdbx_database_status.status_code_nmr_data            ? 
# 
_pdbx_database_related.db_name        PDB 
_pdbx_database_related.db_id          3C2J 
_pdbx_database_related.details        
'Crystal structure analysis of trioxacarcin A covalently bound to GUANINE excised from d(AACCGGTT)' 
_pdbx_database_related.content_type   unspecified 
# 
loop_
_audit_author.name 
_audit_author.pdbx_ordinal 
'Smaltz, D.J.' 1 
'Magauer, T.'  2 
'Proepper, K.' 3 
'Dittrich, B.' 4 
'Myers, A.G.'  5 
# 
_citation.id                        primary 
_citation.title                     'Trioxacarcin D517' 
_citation.journal_abbrev            'TO BE PUBLISHED' 
_citation.journal_volume            ? 
_citation.page_first                ? 
_citation.page_last                 ? 
_citation.year                      ? 
_citation.journal_id_ASTM           ? 
_citation.country                   ? 
_citation.journal_id_ISSN           ? 
_citation.journal_id_CSD            0353 
_citation.book_publisher            ? 
_citation.pdbx_database_id_PubMed   ? 
_citation.pdbx_database_id_DOI      ? 
# 
loop_
_citation_author.citation_id 
_citation_author.name 
_citation_author.ordinal 
_citation_author.identifier_ORCID 
primary 'Smaltz, D.J.' 1 ? 
primary 'Magauer, T.'  2 ? 
primary 'Proepper, K.' 3 ? 
primary 'Dittrich, B.' 4 ? 
primary 'Myers, A.G.'  5 ? 
# 
loop_
_entity.id 
_entity.type 
_entity.src_method 
_entity.pdbx_description 
_entity.formula_weight 
_entity.pdbx_number_of_molecules 
_entity.pdbx_ec 
_entity.pdbx_mutation 
_entity.pdbx_fragment 
_entity.details 
1 non-polymer syn 'Trioxacarcin A analogue, bound form' 660.662 4 ? ? ? 'synthetic source form the laboratory of Andrew G. Myers' 
2 non-polymer syn GUANINE                               151.126 4 ? ? ? ?                                                         
3 non-polymer syn 'DIMETHYL SULFOXIDE'                  78.133  3 ? ? ? ?                                                         
4 water       nat water                                 18.015  7 ? ? ? ?                                                         
# 
loop_
_pdbx_entity_nonpoly.entity_id 
_pdbx_entity_nonpoly.name 
_pdbx_entity_nonpoly.comp_id 
1 'Trioxacarcin A analogue, bound form' 18Y 
2 GUANINE                               GUN 
3 'DIMETHYL SULFOXIDE'                  DMS 
4 water                                 HOH 
# 
loop_
_chem_comp.id 
_chem_comp.type 
_chem_comp.mon_nstd_flag 
_chem_comp.name 
_chem_comp.pdbx_synonyms 
_chem_comp.formula 
_chem_comp.formula_weight 
18Y non-polymer . 'Trioxacarcin A analogue, bound form' 
;(1S,2R,3aS,4S,13aS)-2-(dimethoxymethyl)-1,12-dihydroxy-7-methoxy-1,5-dimethyl-11-oxo-1,2,3a,4,8,9,10,11-octahydro-13aH-2,4-epoxyfuro[3,2-b]naphtho[2,3-h]chromen-13a-yl 4-C-acetyl-2,6-dideoxy-alpha-L-xylo-hexopyranoside
;
'C33 H40 O14' 660.662 
DMS non-polymer . 'DIMETHYL SULFOXIDE'                  ? 'C2 H6 O S'   78.133  
GUN non-polymer . GUANINE                               ? 'C5 H5 N5 O'  151.126 
HOH non-polymer . WATER                                 ? 'H2 O'        18.015  
# 
loop_
_pdbx_nonpoly_scheme.asym_id 
_pdbx_nonpoly_scheme.entity_id 
_pdbx_nonpoly_scheme.mon_id 
_pdbx_nonpoly_scheme.ndb_seq_num 
_pdbx_nonpoly_scheme.pdb_seq_num 
_pdbx_nonpoly_scheme.auth_seq_num 
_pdbx_nonpoly_scheme.pdb_mon_id 
_pdbx_nonpoly_scheme.auth_mon_id 
_pdbx_nonpoly_scheme.pdb_strand_id 
_pdbx_nonpoly_scheme.pdb_ins_code 
A 1 18Y 1 101 102 18Y 18Y A . 
B 2 GUN 1 102 101 GUN GUN A . 
C 1 18Y 1 101 103 18Y 18Y B . 
D 2 GUN 1 102 101 GUN GUN B . 
E 1 18Y 1 101 104 18Y 18Y C . 
F 2 GUN 1 102 101 GUN GUN C . 
G 1 18Y 1 101 105 18Y 18Y D . 
H 2 GUN 1 102 101 GUN GUN D . 
I 3 DMS 1 106 106 DMS DMS C . 
J 3 DMS 1 107 107 DMS DMS C . 
K 3 DMS 1 108 108 DMS DMS D . 
L 4 HOH 1 201 201 HOH HOH D . 
L 4 HOH 2 202 202 HOH HOH D . 
L 4 HOH 3 203 203 HOH HOH D . 
L 4 HOH 4 204 204 HOH HOH D . 
L 4 HOH 5 205 205 HOH HOH D . 
L 4 HOH 6 206 206 HOH HOH D . 
L 4 HOH 7 207 207 HOH HOH D . 
# 
loop_
_pdbx_unobs_or_zero_occ_atoms.id 
_pdbx_unobs_or_zero_occ_atoms.PDB_model_num 
_pdbx_unobs_or_zero_occ_atoms.polymer_flag 
_pdbx_unobs_or_zero_occ_atoms.occupancy_flag 
_pdbx_unobs_or_zero_occ_atoms.auth_asym_id 
_pdbx_unobs_or_zero_occ_atoms.auth_comp_id 
_pdbx_unobs_or_zero_occ_atoms.auth_seq_id 
_pdbx_unobs_or_zero_occ_atoms.PDB_ins_code 
_pdbx_unobs_or_zero_occ_atoms.auth_atom_id 
_pdbx_unobs_or_zero_occ_atoms.label_alt_id 
_pdbx_unobs_or_zero_occ_atoms.label_asym_id 
_pdbx_unobs_or_zero_occ_atoms.label_comp_id 
_pdbx_unobs_or_zero_occ_atoms.label_seq_id 
_pdbx_unobs_or_zero_occ_atoms.label_atom_id 
1 1 N 1 A 18Y 101 ? C28 ? A 18Y 1 C28 
2 1 N 1 A 18Y 101 ? O16 ? A 18Y 1 O16 
# 
loop_
_software.name 
_software.classification 
_software.version 
_software.citation_id 
_software.pdbx_ordinal 
SHELXL refinement       2012 ? 1 
XDS    'data reduction' .    ? 2 
XDS    'data scaling'   .    ? 3 
# 
_cell.entry_id           4HP7 
_cell.length_a           24.086 
_cell.length_b           9.826 
_cell.length_c           35.093 
_cell.angle_alpha        90.00 
_cell.angle_beta         92.32 
_cell.angle_gamma        90.00 
_cell.Z_PDB              8 
_cell.pdbx_unique_axis   ? 
_cell.length_a_esd       ? 
_cell.length_b_esd       ? 
_cell.length_c_esd       ? 
_cell.angle_alpha_esd    ? 
_cell.angle_beta_esd     ? 
_cell.angle_gamma_esd    ? 
# 
_symmetry.entry_id                         4HP7 
_symmetry.space_group_name_H-M             'P 1 21 1' 
_symmetry.pdbx_full_space_group_name_H-M   ? 
_symmetry.cell_setting                     ? 
_symmetry.Int_Tables_number                4 
_symmetry.space_group_name_Hall            ? 
# 
_exptl.entry_id          4HP7 
_exptl.method            'X-RAY DIFFRACTION' 
_exptl.crystals_number   1 
# 
_exptl_crystal.id                    1 
_exptl_crystal.density_meas          ? 
_exptl_crystal.density_Matthews      3.45 
_exptl_crystal.density_percent_sol   64.40 
_exptl_crystal.description           ? 
_exptl_crystal.F_000                 ? 
_exptl_crystal.preparation           ? 
# 
_exptl_crystal_grow.crystal_id      1 
_exptl_crystal_grow.method          'VAPOR DIFFUSION, HANGING DROP' 
_exptl_crystal_grow.temp            310 
_exptl_crystal_grow.temp_details    ? 
_exptl_crystal_grow.pH              ? 
_exptl_crystal_grow.pdbx_details    
;The solution in the reservoir contained tri-ammonium citrate (pH  7.0) and 30% v/v DMSO. The DNA-drug solution 2.5  mM DNA (single-strand concentration), 2.8mM trioxacarcin A D5, VAPOR DIFFUSION, HANGING DROP, temperature 310K
;
_exptl_crystal_grow.pdbx_pH_range   ? 
# 
_diffrn.id                     1 
_diffrn.ambient_temp           100.0 
_diffrn.ambient_temp_details   ? 
_diffrn.crystal_id             1 
# 
_diffrn_detector.diffrn_id              1 
_diffrn_detector.detector               PIXEL 
_diffrn_detector.type                   'DECTRIS PILATUS 6M' 
_diffrn_detector.pdbx_collection_date   ? 
_diffrn_detector.details                ? 
# 
_diffrn_radiation.diffrn_id                        1 
_diffrn_radiation.wavelength_id                    1 
_diffrn_radiation.pdbx_monochromatic_or_laue_m_l   M 
_diffrn_radiation.monochromator                    ? 
_diffrn_radiation.pdbx_diffrn_protocol             'SINGLE WAVELENGTH' 
_diffrn_radiation.pdbx_scattering_type             x-ray 
# 
_diffrn_radiation_wavelength.id           1 
_diffrn_radiation_wavelength.wavelength   0.9 
_diffrn_radiation_wavelength.wt           1.0 
# 
_diffrn_source.diffrn_id                   1 
_diffrn_source.source                      SYNCHROTRON 
_diffrn_source.type                        'SLS BEAMLINE X10SA' 
_diffrn_source.pdbx_synchrotron_site       SLS 
_diffrn_source.pdbx_synchrotron_beamline   X10SA 
_diffrn_source.pdbx_wavelength             ? 
_diffrn_source.pdbx_wavelength_list        0.9 
# 
_reflns.entry_id                     4HP7 
_reflns.observed_criterion_sigma_I   ? 
_reflns.observed_criterion_sigma_F   ? 
_reflns.d_resolution_low             40.000 
_reflns.d_resolution_high            1.09 
_reflns.number_obs                   ? 
_reflns.number_all                   7037 
_reflns.percent_possible_obs         96.6 
_reflns.pdbx_Rmerge_I_obs            0.0995 
_reflns.pdbx_Rsym_value              ? 
_reflns.pdbx_netI_over_sigmaI        6.28 
_reflns.B_iso_Wilson_estimate        ? 
_reflns.pdbx_redundancy              3.14 
_reflns.R_free_details               ? 
_reflns.limit_h_max                  ? 
_reflns.limit_h_min                  ? 
_reflns.limit_k_max                  ? 
_reflns.limit_k_min                  ? 
_reflns.limit_l_max                  ? 
_reflns.limit_l_min                  ? 
_reflns.observed_criterion_F_max     ? 
_reflns.observed_criterion_F_min     ? 
_reflns.pdbx_chi_squared             ? 
_reflns.pdbx_scaling_rejects         ? 
_reflns.pdbx_ordinal                 1 
_reflns.pdbx_diffrn_id               1 
# 
_reflns_shell.d_res_high             1.09 
_reflns_shell.d_res_low              1.11 
_reflns_shell.percent_possible_all   52.9 
_reflns_shell.Rmerge_I_obs           0.4339 
_reflns_shell.pdbx_Rsym_value        ? 
_reflns_shell.meanI_over_sigI_obs    1.36 
_reflns_shell.pdbx_redundancy        1.21 
_reflns_shell.percent_possible_obs   ? 
_reflns_shell.number_unique_all      ? 
_reflns_shell.number_measured_all    ? 
_reflns_shell.number_measured_obs    ? 
_reflns_shell.number_unique_obs      ? 
_reflns_shell.pdbx_chi_squared       ? 
_reflns_shell.pdbx_ordinal           1 
_reflns_shell.pdbx_diffrn_id         1 
# 
_refine.entry_id                                 4HP7 
_refine.ls_number_reflns_obs                     7037 
_refine.ls_number_reflns_all                     ? 
_refine.pdbx_ls_sigma_I                          ? 
_refine.pdbx_ls_sigma_F                          0.0 
_refine.pdbx_data_cutoff_high_absF               ? 
_refine.pdbx_data_cutoff_low_absF                ? 
_refine.pdbx_data_cutoff_high_rms_absF           ? 
_refine.ls_d_res_low                             40.000 
_refine.ls_d_res_high                            1.09 
_refine.ls_percent_reflns_obs                    96.6 
_refine.ls_R_factor_obs                          0.1532 
_refine.ls_R_factor_all                          ? 
_refine.ls_R_factor_R_work                       ? 
_refine.ls_R_factor_R_free                       0.2156 
_refine.ls_R_factor_R_free_error                 ? 
_refine.ls_R_factor_R_free_error_details         ? 
_refine.ls_percent_reflns_R_free                 10 
_refine.ls_number_reflns_R_free                  1288 
_refine.ls_number_parameters                     2187 
_refine.ls_number_restraints                     2331 
_refine.occupancy_min                            ? 
_refine.occupancy_max                            ? 
_refine.correlation_coeff_Fo_to_Fc               ? 
_refine.correlation_coeff_Fo_to_Fc_free          ? 
_refine.B_iso_mean                               ? 
_refine.aniso_B[1][1]                            ? 
_refine.aniso_B[2][2]                            ? 
_refine.aniso_B[3][3]                            ? 
_refine.aniso_B[1][2]                            ? 
_refine.aniso_B[1][3]                            ? 
_refine.aniso_B[2][3]                            ? 
_refine.solvent_model_details                    ? 
_refine.solvent_model_param_ksol                 ? 
_refine.solvent_model_param_bsol                 ? 
_refine.pdbx_solvent_vdw_probe_radii             ? 
_refine.pdbx_solvent_ion_probe_radii             ? 
_refine.pdbx_solvent_shrinkage_radii             ? 
_refine.pdbx_ls_cross_valid_method               'FREE R' 
_refine.details                                  ? 
_refine.pdbx_starting_model                      ? 
_refine.pdbx_method_to_determine_struct          ? 
_refine.pdbx_isotropic_thermal_model             ? 
_refine.pdbx_stereochemistry_target_values       'Engh & Huber' 
_refine.pdbx_stereochem_target_val_spec_case     ? 
_refine.pdbx_R_Free_selection_details            RANDOM 
_refine.pdbx_overall_ESU_R                       ? 
_refine.pdbx_overall_ESU_R_Free                  ? 
_refine.overall_SU_ML                            ? 
_refine.pdbx_overall_phase_error                 ? 
_refine.overall_SU_B                             ? 
_refine.overall_SU_R_Cruickshank_DPI             ? 
_refine.ls_redundancy_reflns_obs                 ? 
_refine.B_iso_min                                ? 
_refine.B_iso_max                                ? 
_refine.overall_SU_R_free                        ? 
_refine.ls_wR_factor_R_free                      ? 
_refine.ls_wR_factor_R_work                      ? 
_refine.overall_FOM_free_R_set                   ? 
_refine.overall_FOM_work_R_set                   ? 
_refine.pdbx_diffrn_id                           1 
_refine.pdbx_refine_id                           'X-RAY DIFFRACTION' 
_refine.pdbx_TLS_residual_ADP_flag               ? 
_refine.pdbx_overall_SU_R_free_Cruickshank_DPI   ? 
_refine.pdbx_overall_SU_R_Blow_DPI               ? 
_refine.pdbx_overall_SU_R_free_Blow_DPI          ? 
# 
_refine_analyze.entry_id                        4HP7 
_refine_analyze.Luzzati_coordinate_error_obs    ? 
_refine_analyze.Luzzati_sigma_a_obs             ? 
_refine_analyze.Luzzati_d_res_low_obs           ? 
_refine_analyze.Luzzati_coordinate_error_free   ? 
_refine_analyze.Luzzati_sigma_a_free            ? 
_refine_analyze.Luzzati_d_res_low_free          ? 
_refine_analyze.number_disordered_residues      3 
_refine_analyze.occupancy_sum_hydrogen          ? 
_refine_analyze.occupancy_sum_non_hydrogen      247.0 
_refine_analyze.pdbx_Luzzati_d_res_high_obs     ? 
_refine_analyze.pdbx_refine_id                  'X-RAY DIFFRACTION' 
# 
_refine_hist.pdbx_refine_id                   'X-RAY DIFFRACTION' 
_refine_hist.cycle_id                         LAST 
_refine_hist.pdbx_number_atoms_protein        0 
_refine_hist.pdbx_number_atoms_nucleic_acid   0 
_refine_hist.pdbx_number_atoms_ligand         242 
_refine_hist.number_atoms_solvent             7 
_refine_hist.number_atoms_total               249 
_refine_hist.d_res_high                       1.09 
_refine_hist.d_res_low                        40.000 
# 
loop_
_refine_ls_restr.type 
_refine_ls_restr.dev_ideal 
_refine_ls_restr.dev_ideal_target 
_refine_ls_restr.weight 
_refine_ls_restr.number 
_refine_ls_restr.pdbx_restraint_function 
_refine_ls_restr.pdbx_refine_id 
s_bond_d               0.0285 ? ? ? ? 'X-RAY DIFFRACTION' 
s_angle_d              0.729  ? ? ? ? 'X-RAY DIFFRACTION' 
s_similar_dist         0.159  ? ? ? ? 'X-RAY DIFFRACTION' 
s_from_restr_planes    0.4909 ? ? ? ? 'X-RAY DIFFRACTION' 
s_zero_chiral_vol      0.0    ? ? ? ? 'X-RAY DIFFRACTION' 
s_non_zero_chiral_vol  0.12   ? ? ? ? 'X-RAY DIFFRACTION' 
s_anti_bump_dis_restr  0.0000 ? ? ? ? 'X-RAY DIFFRACTION' 
s_rigid_bond_adp_cmpnt 0.0263 ? ? ? ? 'X-RAY DIFFRACTION' 
s_similar_adp_cmpnt    0.0000 ? ? ? ? 'X-RAY DIFFRACTION' 
s_approx_iso_adps      0.0000 ? ? ? ? 'X-RAY DIFFRACTION' 
# 
_pdbx_refine.pdbx_refine_id                              'X-RAY DIFFRACTION' 
_pdbx_refine.entry_id                                    4HP7 
_pdbx_refine.R_factor_all_no_cutoff                      ? 
_pdbx_refine.R_factor_obs_no_cutoff                      0.1532 
_pdbx_refine.free_R_factor_no_cutoff                     0.2156 
_pdbx_refine.free_R_error_no_cutoff                      ? 
_pdbx_refine.free_R_val_test_set_size_perc_no_cutoff     10 
_pdbx_refine.free_R_val_test_set_ct_no_cutoff            1288 
_pdbx_refine.R_factor_all_4sig_cutoff                    ? 
_pdbx_refine.R_factor_obs_4sig_cutoff                    0.1211 
_pdbx_refine.free_R_factor_4sig_cutoff                   0.1818 
_pdbx_refine.free_R_val_test_set_size_perc_4sig_cutoff   10 
_pdbx_refine.free_R_val_test_set_ct_4sig_cutoff          871 
_pdbx_refine.number_reflns_obs_4sig_cutoff               7634 
# 
_struct.entry_id                  4HP7 
_struct.title                     'Trioxacarcin D517 as a product of guanine robbery from d(AACCGGTT)' 
_struct.pdbx_model_details        ? 
_struct.pdbx_CASP_flag            ? 
_struct.pdbx_model_type_details   ? 
# 
_struct_keywords.entry_id        4HP7 
_struct_keywords.pdbx_keywords   ANTIBIOTIC 
_struct_keywords.text            'Aminoglycosides, Anti-Bacterial Agents, Antitumor Agents, DNA, ANTIBIOTIC' 
# 
loop_
_struct_asym.id 
_struct_asym.pdbx_blank_PDB_chainid_flag 
_struct_asym.pdbx_modified 
_struct_asym.entity_id 
_struct_asym.details 
A N N 1 ? 
B N N 2 ? 
C N N 1 ? 
D N N 2 ? 
E N N 1 ? 
F N N 2 ? 
G N N 1 ? 
H N N 2 ? 
I N N 3 ? 
J N N 3 ? 
K N N 3 ? 
L N N 4 ? 
# 
_struct_ref.id                         1 
_struct_ref.db_name                    PDB 
_struct_ref.db_code                    4HP7 
_struct_ref.pdbx_db_accession          4HP7 
_struct_ref.entity_id                  1 
_struct_ref.pdbx_align_begin           ? 
_struct_ref.pdbx_seq_one_letter_code   ? 
_struct_ref.pdbx_db_isoform            ? 
# 
_pdbx_struct_assembly.id                   1 
_pdbx_struct_assembly.details              author_defined_assembly 
_pdbx_struct_assembly.method_details       ? 
_pdbx_struct_assembly.oligomeric_details   monomeric 
_pdbx_struct_assembly.oligomeric_count     1 
# 
_pdbx_struct_assembly_gen.assembly_id       1 
_pdbx_struct_assembly_gen.oper_expression   1 
_pdbx_struct_assembly_gen.asym_id_list      A,B,C,D,E,F,G,H,I,J,K,L 
# 
_pdbx_struct_oper_list.id                   1 
_pdbx_struct_oper_list.type                 'identity operation' 
_pdbx_struct_oper_list.name                 1_555 
_pdbx_struct_oper_list.symmetry_operation   x,y,z 
_pdbx_struct_oper_list.matrix[1][1]         1.0000000000 
_pdbx_struct_oper_list.matrix[1][2]         0.0000000000 
_pdbx_struct_oper_list.matrix[1][3]         0.0000000000 
_pdbx_struct_oper_list.vector[1]            0.0000000000 
_pdbx_struct_oper_list.matrix[2][1]         0.0000000000 
_pdbx_struct_oper_list.matrix[2][2]         1.0000000000 
_pdbx_struct_oper_list.matrix[2][3]         0.0000000000 
_pdbx_struct_oper_list.vector[2]            0.0000000000 
_pdbx_struct_oper_list.matrix[3][1]         0.0000000000 
_pdbx_struct_oper_list.matrix[3][2]         0.0000000000 
_pdbx_struct_oper_list.matrix[3][3]         1.0000000000 
_pdbx_struct_oper_list.vector[3]            0.0000000000 
# 
_struct_biol.id        1 
_struct_biol.details   ? 
# 
loop_
_struct_conn.id 
_struct_conn.conn_type_id 
_struct_conn.pdbx_leaving_atom_flag 
_struct_conn.pdbx_PDB_id 
_struct_conn.ptnr1_label_asym_id 
_struct_conn.ptnr1_label_comp_id 
_struct_conn.ptnr1_label_seq_id 
_struct_conn.ptnr1_label_atom_id 
_struct_conn.pdbx_ptnr1_label_alt_id 
_struct_conn.pdbx_ptnr1_PDB_ins_code 
_struct_conn.pdbx_ptnr1_standard_comp_id 
_struct_conn.ptnr1_symmetry 
_struct_conn.ptnr2_label_asym_id 
_struct_conn.ptnr2_label_comp_id 
_struct_conn.ptnr2_label_seq_id 
_struct_conn.ptnr2_label_atom_id 
_struct_conn.pdbx_ptnr2_label_alt_id 
_struct_conn.pdbx_ptnr2_PDB_ins_code 
_struct_conn.ptnr1_auth_asym_id 
_struct_conn.ptnr1_auth_comp_id 
_struct_conn.ptnr1_auth_seq_id 
_struct_conn.ptnr2_auth_asym_id 
_struct_conn.ptnr2_auth_comp_id 
_struct_conn.ptnr2_auth_seq_id 
_struct_conn.ptnr2_symmetry 
_struct_conn.pdbx_ptnr3_label_atom_id 
_struct_conn.pdbx_ptnr3_label_seq_id 
_struct_conn.pdbx_ptnr3_label_comp_id 
_struct_conn.pdbx_ptnr3_label_asym_id 
_struct_conn.pdbx_ptnr3_label_alt_id 
_struct_conn.pdbx_ptnr3_PDB_ins_code 
_struct_conn.details 
_struct_conn.pdbx_dist_value 
_struct_conn.pdbx_value_order 
_struct_conn.pdbx_role 
covale1 covale none ? A 18Y . C17 ? ? ? 1_555 B GUN . N7 ? ? A 18Y 101 A GUN 102 1_555 ? ? ? ? ? ? ? 1.518 ? ? 
covale2 covale none ? C 18Y . C17 ? ? ? 1_555 D GUN . N7 ? ? B 18Y 101 B GUN 102 1_555 ? ? ? ? ? ? ? 1.457 ? ? 
covale3 covale none ? E 18Y . C17 ? ? ? 1_555 F GUN . N7 ? ? C 18Y 101 C GUN 102 1_555 ? ? ? ? ? ? ? 1.462 ? ? 
covale4 covale none ? G 18Y . C17 ? ? ? 1_555 H GUN . N7 ? ? D 18Y 101 D GUN 102 1_555 ? ? ? ? ? ? ? 1.436 ? ? 
# 
_struct_conn_type.id          covale 
_struct_conn_type.criteria    ? 
_struct_conn_type.reference   ? 
# 
loop_
_chem_comp_atom.comp_id 
_chem_comp_atom.atom_id 
_chem_comp_atom.type_symbol 
_chem_comp_atom.pdbx_aromatic_flag 
_chem_comp_atom.pdbx_stereo_config 
_chem_comp_atom.pdbx_ordinal 
18Y C3     C N N 1   
18Y C5     C Y N 2   
18Y O1     O N N 3   
18Y "C7'"  C N N 4   
18Y "O7'"  O N N 5   
18Y "C8'"  C N N 6   
18Y C1     C N N 7   
18Y C2     C N N 8   
18Y C4     C N N 9   
18Y C6     C Y N 10  
18Y C7     C Y N 11  
18Y O8     O N N 12  
18Y C8     C Y N 13  
18Y O9     O N N 14  
18Y C9     C Y N 15  
18Y O10    O N N 16  
18Y C19    C Y N 17  
18Y O11    O N N 18  
18Y C11    C N S 19  
18Y O12    O N N 20  
18Y C12    C N S 21  
18Y O13    O N N 22  
18Y C13    C N S 23  
18Y O14    O N N 24  
18Y C14    C N S 25  
18Y C15    C N R 26  
18Y C25    C N N 27  
18Y "O1'"  O N N 28  
18Y "C1'"  C N S 29  
18Y "C2'"  C N N 30  
18Y "O3'"  O N N 31  
18Y "C3'"  C N R 32  
18Y "O4'"  O N N 33  
18Y "C4'"  C N S 34  
18Y "C5'"  C N S 35  
18Y "C6'"  C N N 36  
18Y C20    C Y N 37  
18Y C21    C Y N 38  
18Y C18    C N N 39  
18Y C22    C Y N 40  
18Y C23    C Y N 41  
18Y C24    C N N 42  
18Y O26    O N N 43  
18Y C27    C N N 44  
18Y C28    C N N 45  
18Y C17    C N N 46  
18Y O16    O N N 47  
18Y H3A    H N N 48  
18Y H3B    H N N 49  
18Y H5     H N N 50  
18Y "H81'" H N N 51  
18Y "H82'" H N N 52  
18Y "H83'" H N N 53  
18Y H2B    H N N 54  
18Y H2A    H N N 55  
18Y H4A    H N N 56  
18Y H4B    H N N 57  
18Y H9     H N N 58  
18Y H11    H N N 59  
18Y H12    H N N 60  
18Y H1     H N N 61  
18Y H16    H N N 62  
18Y "H1'"  H N N 63  
18Y "H2'"  H N N 64  
18Y H2     H N N 65  
18Y HO3    H N N 66  
18Y "H3'"  H N N 67  
18Y "H4'"  H N N 68  
18Y "H5'"  H N N 69  
18Y "H61'" H N N 70  
18Y "H62'" H N N 71  
18Y "H63'" H N N 72  
18Y H61A   H N N 73  
18Y H63A   H N N 74  
18Y H62A   H N N 75  
18Y H111   H N N 76  
18Y H112   H N N 77  
18Y H113   H N N 78  
18Y H62B   H N N 79  
18Y H63B   H N N 80  
18Y H61B   H N N 81  
18Y H63C   H N N 82  
18Y H61C   H N N 83  
18Y H62C   H N N 84  
18Y H171   H N N 85  
18Y H172   H N N 86  
18Y H3     H N N 87  
DMS S      S N N 88  
DMS O      O N N 89  
DMS C1     C N N 90  
DMS C2     C N N 91  
DMS H11    H N N 92  
DMS H12    H N N 93  
DMS H13    H N N 94  
DMS H21    H N N 95  
DMS H22    H N N 96  
DMS H23    H N N 97  
GUN N9     N Y N 98  
GUN C8     C Y N 99  
GUN N7     N Y N 100 
GUN C5     C Y N 101 
GUN C6     C N N 102 
GUN O6     O N N 103 
GUN N1     N N N 104 
GUN C2     C N N 105 
GUN N2     N N N 106 
GUN N3     N N N 107 
GUN C4     C Y N 108 
GUN HN9    H N N 109 
GUN H8     H N N 110 
GUN HN1    H N N 111 
GUN HN21   H N N 112 
GUN HN22   H N N 113 
HOH O      O N N 114 
HOH H1     H N N 115 
HOH H2     H N N 116 
# 
loop_
_chem_comp_bond.comp_id 
_chem_comp_bond.atom_id_1 
_chem_comp_bond.atom_id_2 
_chem_comp_bond.value_order 
_chem_comp_bond.pdbx_aromatic_flag 
_chem_comp_bond.pdbx_stereo_config 
_chem_comp_bond.pdbx_ordinal 
18Y C3    C4     sing N N 1   
18Y C3    C2     sing N N 2   
18Y C4    C21    sing N N 3   
18Y C2    C1     sing N N 4   
18Y O10   C19    sing N N 5   
18Y O10   C24    sing N N 6   
18Y C21   C19    doub Y N 7   
18Y C21   C20    sing Y N 8   
18Y C19   C23    sing Y N 9   
18Y C1    C20    sing N N 10  
18Y C1    O1     doub N N 11  
18Y C20   C9     doub Y N 12  
18Y C23   C5     doub Y N 13  
18Y C23   C22    sing Y N 14  
18Y C5    C6     sing Y N 15  
18Y C9    C22    sing Y N 16  
18Y C9    O9     sing N N 17  
18Y "C6'" "C5'"  sing N N 18  
18Y C22   C8     doub Y N 19  
18Y "O4'" "C4'"  sing N N 20  
18Y C6    C18    sing N N 21  
18Y C6    C7     doub Y N 22  
18Y "O1'" "C5'"  sing N N 23  
18Y "O1'" "C1'"  sing N N 24  
18Y C8    C7     sing Y N 25  
18Y C8    O8     sing N N 26  
18Y "C5'" "C4'"  sing N N 27  
18Y C7    C11    sing N N 28  
18Y "C4'" "C7'"  sing N N 29  
18Y "C4'" "C3'"  sing N N 30  
18Y "C1'" "C2'"  sing N N 31  
18Y "C1'" O13    sing N N 32  
18Y O8    C13    sing N N 33  
18Y "C8'" "C7'"  sing N N 34  
18Y C11   C12    sing N N 35  
18Y C11   O11    sing N N 36  
18Y "C2'" "C3'"  sing N N 37  
18Y "C7'" "O7'"  doub N N 38  
18Y C12   C13    sing N N 39  
18Y C12   O12    sing N N 40  
18Y "C3'" "O3'"  sing N N 41  
18Y C13   O13    sing N N 42  
18Y C13   C14    sing N N 43  
18Y O12   C15    sing N N 44  
18Y O11   C15    sing N N 45  
18Y C14   C15    sing N N 46  
18Y C14   C17    sing N N 47  
18Y C14   O14    sing N N 48  
18Y C15   C25    sing N N 49  
18Y C25   O16    sing N N 50  
18Y C25   O26    sing N N 51  
18Y C28   O16    sing N N 52  
18Y O26   C27    sing N N 53  
18Y C3    H3A    sing N N 54  
18Y C3    H3B    sing N N 55  
18Y C5    H5     sing N N 56  
18Y "C8'" "H81'" sing N N 57  
18Y "C8'" "H82'" sing N N 58  
18Y "C8'" "H83'" sing N N 59  
18Y C2    H2B    sing N N 60  
18Y C2    H2A    sing N N 61  
18Y C4    H4A    sing N N 62  
18Y C4    H4B    sing N N 63  
18Y O9    H9     sing N N 64  
18Y C11   H11    sing N N 65  
18Y C12   H12    sing N N 66  
18Y O14   H1     sing N N 67  
18Y C25   H16    sing N N 68  
18Y "C1'" "H1'"  sing N N 69  
18Y "C2'" "H2'"  sing N N 70  
18Y "C2'" H2     sing N N 71  
18Y "O3'" HO3    sing N N 72  
18Y "C3'" "H3'"  sing N N 73  
18Y "O4'" "H4'"  sing N N 74  
18Y "C5'" "H5'"  sing N N 75  
18Y "C6'" "H61'" sing N N 76  
18Y "C6'" "H62'" sing N N 77  
18Y "C6'" "H63'" sing N N 78  
18Y C18   H61A   sing N N 79  
18Y C18   H63A   sing N N 80  
18Y C18   H62A   sing N N 81  
18Y C24   H111   sing N N 82  
18Y C24   H112   sing N N 83  
18Y C24   H113   sing N N 84  
18Y C27   H62B   sing N N 85  
18Y C27   H63B   sing N N 86  
18Y C27   H61B   sing N N 87  
18Y C28   H63C   sing N N 88  
18Y C28   H61C   sing N N 89  
18Y C28   H62C   sing N N 90  
18Y C17   H171   sing N N 91  
18Y C17   H172   sing N N 92  
18Y C17   H3     sing N N 93  
DMS S     O      doub N N 94  
DMS S     C1     sing N N 95  
DMS S     C2     sing N N 96  
DMS C1    H11    sing N N 97  
DMS C1    H12    sing N N 98  
DMS C1    H13    sing N N 99  
DMS C2    H21    sing N N 100 
DMS C2    H22    sing N N 101 
DMS C2    H23    sing N N 102 
GUN N9    C8     sing Y N 103 
GUN N9    C4     sing Y N 104 
GUN N9    HN9    sing N N 105 
GUN C8    N7     doub Y N 106 
GUN C8    H8     sing N N 107 
GUN N7    C5     sing Y N 108 
GUN C5    C6     sing N N 109 
GUN C5    C4     doub Y N 110 
GUN C6    O6     doub N N 111 
GUN C6    N1     sing N N 112 
GUN N1    C2     sing N N 113 
GUN N1    HN1    sing N N 114 
GUN C2    N2     sing N N 115 
GUN C2    N3     doub N N 116 
GUN N2    HN21   sing N N 117 
GUN N2    HN22   sing N N 118 
GUN N3    C4     sing N N 119 
HOH O     H1     sing N N 120 
HOH O     H2     sing N N 121 
# 
_atom_sites.entry_id                    4HP7 
_atom_sites.fract_transf_matrix[1][1]   -0.02097466 
_atom_sites.fract_transf_matrix[1][2]   -0.03246544 
_atom_sites.fract_transf_matrix[1][3]   -0.01524913 
_atom_sites.fract_transf_matrix[2][1]   0.08274311 
_atom_sites.fract_transf_matrix[2][2]   -0.02925441 
_atom_sites.fract_transf_matrix[2][3]   -0.05152761 
_atom_sites.fract_transf_matrix[3][1]   0.00768539 
_atom_sites.fract_transf_matrix[3][2]   -0.01668549 
_atom_sites.fract_transf_matrix[3][3]   0.02181427 
_atom_sites.fract_transf_vector[1]      0.230544 
_atom_sites.fract_transf_vector[2]      0.768185 
_atom_sites.fract_transf_vector[3]      0.221126 
# 
loop_
_atom_type.symbol 
C 
H 
N 
O 
S 
# 
loop_
_atom_site.group_PDB 
_atom_site.id 
_atom_site.type_symbol 
_atom_site.label_atom_id 
_atom_site.label_alt_id 
_atom_site.label_comp_id 
_atom_site.label_asym_id 
_atom_site.label_entity_id 
_atom_site.label_seq_id 
_atom_site.pdbx_PDB_ins_code 
_atom_site.Cartn_x 
_atom_site.Cartn_y 
_atom_site.Cartn_z 
_atom_site.occupancy 
_atom_site.B_iso_or_equiv 
_atom_site.pdbx_formal_charge 
_atom_site.auth_seq_id 
_atom_site.auth_comp_id 
_atom_site.auth_asym_id 
_atom_site.auth_atom_id 
_atom_site.pdbx_PDB_model_num 
HETATM 1   C C3     . 18Y A 1 . ? -4.983 -3.045  -5.596  1.00 8.52  ? 101 18Y A C3     1 
HETATM 2   C C5     . 18Y A 1 . ? -5.254 3.056   -5.569  1.00 7.44  ? 101 18Y A C5     1 
HETATM 3   O O1     . 18Y A 1 . ? -1.570 -2.136  -6.186  1.00 8.59  ? 101 18Y A O1     1 
HETATM 4   C "C7'"  . 18Y A 1 . ? 4.122  5.276   -5.521  1.00 24.12 ? 101 18Y A "C7'"  1 
HETATM 5   O "O7'"  . 18Y A 1 . ? 5.083  4.881   -4.787  1.00 25.40 ? 101 18Y A "O7'"  1 
HETATM 6   C "C8'"  . 18Y A 1 . ? 4.044  6.503   -6.255  1.00 34.05 ? 101 18Y A "C8'"  1 
HETATM 7   C C1     . 18Y A 1 . ? -2.772 -2.027  -5.834  1.00 7.39  ? 101 18Y A C1     1 
HETATM 8   C C2     . 18Y A 1 . ? -3.503 -3.149  -5.328  1.00 7.77  ? 101 18Y A C2     1 
HETATM 9   C C4     . 18Y A 1 . ? -5.505 -1.903  -4.947  1.00 8.20  ? 101 18Y A C4     1 
HETATM 10  C C6     . 18Y A 1 . ? -4.664 4.214   -5.799  1.00 7.70  ? 101 18Y A C6     1 
HETATM 11  C C7     . 18Y A 1 . ? -3.330 4.170   -6.308  1.00 7.53  ? 101 18Y A C7     1 
HETATM 12  O O8     . 18Y A 1 . ? -1.519 2.825   -7.165  1.00 6.93  ? 101 18Y A O8     1 
HETATM 13  C C8     . 18Y A 1 . ? -2.726 2.935   -6.508  1.00 7.06  ? 101 18Y A C8     1 
HETATM 14  O O9     . 18Y A 1 . ? -1.422 0.360   -6.572  1.00 6.95  ? 101 18Y A O9     1 
HETATM 15  C C9     . 18Y A 1 . ? -2.703 0.449   -6.191  1.00 6.92  ? 101 18Y A C9     1 
HETATM 16  O O10    . 18Y A 1 . ? -6.700 0.762   -4.895  1.00 8.77  ? 101 18Y A O10    1 
HETATM 17  C C19    . 18Y A 1 . ? -5.378 0.635   -5.253  1.00 6.85  ? 101 18Y A C19    1 
HETATM 18  O O11    . 18Y A 1 . ? -2.960 5.905   -7.932  1.00 9.25  ? 101 18Y A O11    1 
HETATM 19  C C11    . 18Y A 1 . ? -2.620 5.341   -6.561  1.00 7.79  ? 101 18Y A C11    1 
HETATM 20  O O12    . 18Y A 1 . ? -0.754 6.298   -7.607  1.00 9.35  ? 101 18Y A O12    1 
HETATM 21  C C12    . 18Y A 1 . ? -1.021 5.233   -6.667  1.00 7.95  ? 101 18Y A C12    1 
HETATM 22  O O13    . 18Y A 1 . ? 0.544  3.632   -7.646  1.00 8.02  ? 101 18Y A O13    1 
HETATM 23  C C13    . 18Y A 1 . ? -0.855 3.974   -7.578  1.00 8.27  ? 101 18Y A C13    1 
HETATM 24  O O14    . 18Y A 1 . ? -0.192 4.600   -9.903  1.00 8.35  ? 101 18Y A O14    1 
HETATM 25  C C14    . 18Y A 1 . ? -1.227 4.528   -9.085  1.00 7.18  ? 101 18Y A C14    1 
HETATM 26  C C15    . 18Y A 1 . ? -1.728 6.002   -8.601  1.00 8.23  ? 101 18Y A C15    1 
HETATM 27  C C25    . 18Y A 1 . ? -1.765 7.107   -9.705  1.00 11.11 ? 101 18Y A C25    1 
HETATM 28  O "O1'"  . 18Y A 1 . ? 1.078  3.485   -5.392  1.00 11.37 ? 101 18Y A "O1'"  1 
HETATM 29  C "C1'"  . 18Y A 1 . ? 1.151  2.878   -6.589  1.00 10.04 ? 101 18Y A "C1'"  1 
HETATM 30  C "C2'"  . 18Y A 1 . ? 2.450  2.507   -6.939  1.00 10.25 ? 101 18Y A "C2'"  1 
HETATM 31  O "O3'"  . 18Y A 1 . ? 3.549  4.444   -7.815  1.00 20.08 ? 101 18Y A "O3'"  1 
HETATM 32  C "C3'"  . 18Y A 1 . ? 3.459  3.547   -6.969  1.00 16.22 ? 101 18Y A "C3'"  1 
HETATM 33  O "O4'"  . 18Y A 1 . ? 3.838  3.342   -4.501  1.00 23.10 ? 101 18Y A "O4'"  1 
HETATM 34  C "C4'"  . 18Y A 1 . ? 3.118  4.275   -5.504  1.00 18.19 ? 101 18Y A "C4'"  1 
HETATM 35  C "C5'"  . 18Y A 1 . ? 1.763  4.494   -5.260  1.00 16.28 ? 101 18Y A "C5'"  1 
HETATM 36  C "C6'"  . 18Y A 1 . ? 1.721  4.979   -3.842  1.00 19.45 ? 101 18Y A "C6'"  1 
HETATM 37  C C20    . 18Y A 1 . ? -3.393 -0.711  -5.817  1.00 6.48  ? 101 18Y A C20    1 
HETATM 38  C C21    . 18Y A 1 . ? -4.746 -0.601  -5.328  1.00 7.63  ? 101 18Y A C21    1 
HETATM 39  C C18    . 18Y A 1 . ? -5.317 5.535   -5.662  1.00 10.20 ? 101 18Y A C18    1 
HETATM 40  C C22    . 18Y A 1 . ? -3.369 1.700   -6.117  1.00 5.97  ? 101 18Y A C22    1 
HETATM 41  C C23    . 18Y A 1 . ? -4.685 1.838   -5.623  1.00 6.84  ? 101 18Y A C23    1 
HETATM 42  C C24    . 18Y A 1 . ? -6.945 0.946   -3.500  1.00 11.47 ? 101 18Y A C24    1 
HETATM 43  O O26    A 18Y A 1 . ? -0.595 7.301   -10.378 0.33 9.97  ? 101 18Y A O26    1 
HETATM 44  O O26    B 18Y A 1 . ? -2.806 6.757   -10.560 0.33 9.97  ? 101 18Y A O26    1 
HETATM 45  O O26    C 18Y A 1 . ? -1.712 8.357   -9.095  0.33 11.73 ? 101 18Y A O26    1 
HETATM 46  C C27    A 18Y A 1 . ? -0.853 8.449   -11.103 0.33 34.98 ? 101 18Y A C27    1 
HETATM 47  C C27    B 18Y A 1 . ? -3.151 8.005   -11.046 0.33 34.98 ? 101 18Y A C27    1 
HETATM 48  C C27    C 18Y A 1 . ? -0.491 8.968   -8.923  0.33 12.22 ? 101 18Y A C27    1 
HETATM 49  C C17    . 18Y A 1 . ? -2.298 3.801   -9.720  1.00 7.84  ? 101 18Y A C17    1 
HETATM 50  H H3A    . 18Y A 1 . ? -5.141 -2.978  -6.571  1.00 10.22 ? 101 18Y A H3A    1 
HETATM 51  H H3B    . 18Y A 1 . ? -5.440 -3.857  -5.264  1.00 10.22 ? 101 18Y A H3B    1 
HETATM 52  H H5     . 18Y A 1 . ? -6.175 3.087   -5.342  1.00 8.93  ? 101 18Y A H5     1 
HETATM 53  H "H81'" . 18Y A 1 . ? 3.381  6.414   -6.972  1.00 51.07 ? 101 18Y A "H81'" 1 
HETATM 54  H "H82'" . 18Y A 1 . ? 4.920  6.706   -6.645  1.00 51.07 ? 101 18Y A "H82'" 1 
HETATM 55  H "H83'" . 18Y A 1 . ? 3.778  7.229   -5.653  1.00 51.07 ? 101 18Y A "H83'" 1 
HETATM 56  H H2B    . 18Y A 1 . ? -3.155 -3.975  -5.746  1.00 9.33  ? 101 18Y A H2B    1 
HETATM 57  H H2A    . 18Y A 1 . ? -3.355 -3.217  -4.352  1.00 9.33  ? 101 18Y A H2A    1 
HETATM 58  H H4A    . 18Y A 1 . ? -5.451 -2.034  -3.967  1.00 9.83  ? 101 18Y A H4A    1 
HETATM 59  H H4B    . 18Y A 1 . ? -6.461 -1.803  -5.188  1.00 9.83  ? 101 18Y A H4B    1 
HETATM 60  H H9     . 18Y A 1 . ? -1.136 -0.414  -6.414  1.00 10.42 ? 101 18Y A H9     1 
HETATM 61  H H11    . 18Y A 1 . ? -2.854 6.019   -5.865  1.00 9.35  ? 101 18Y A H11    1 
HETATM 62  H H12    . 18Y A 1 . ? -0.507 5.244   -5.810  1.00 9.55  ? 101 18Y A H12    1 
HETATM 63  H H1     . 18Y A 1 . ? 0.334  5.197   -9.636  1.00 12.53 ? 101 18Y A H1     1 
HETATM 64  H "H1'"  . 18Y A 1 . ? 0.626  2.031   -6.510  1.00 12.04 ? 101 18Y A "H1'"  1 
HETATM 65  H "H2'"  . 18Y A 1 . ? 2.750  1.811   -6.300  1.00 12.30 ? 101 18Y A "H2'"  1 
HETATM 66  H H2     . 18Y A 1 . ? 2.418  2.088   -7.834  1.00 12.30 ? 101 18Y A H2     1 
HETATM 67  H HO3    . 18Y A 1 . ? 3.953  4.152   -8.491  1.00 30.12 ? 101 18Y A HO3    1 
HETATM 68  H "H3'"  . 18Y A 1 . ? 4.354  3.107   -6.893  1.00 19.46 ? 101 18Y A "H3'"  1 
HETATM 69  H "H4'"  . 18Y A 1 . ? 4.573  3.096   -4.825  1.00 34.65 ? 101 18Y A "H4'"  1 
HETATM 70  H "H5'"  . 18Y A 1 . ? 1.425  5.211   -5.868  1.00 19.54 ? 101 18Y A "H5'"  1 
HETATM 71  H "H61'" . 18Y A 1 . ? 2.080  5.889   -3.796  1.00 29.18 ? 101 18Y A "H61'" 1 
HETATM 72  H "H62'" . 18Y A 1 . ? 2.260  4.387   -3.278  1.00 29.18 ? 101 18Y A "H62'" 1 
HETATM 73  H "H63'" . 18Y A 1 . ? 0.793  4.976   -3.524  1.00 29.18 ? 101 18Y A "H63'" 1 
HETATM 74  H H61A   . 18Y A 1 . ? -5.580 5.863   -6.547  1.00 15.29 ? 101 18Y A H61A   1 
HETATM 75  H H63A   . 18Y A 1 . ? -6.112 5.449   -5.095  1.00 15.29 ? 101 18Y A H63A   1 
HETATM 76  H H62A   . 18Y A 1 . ? -4.691 6.168   -5.250  1.00 15.29 ? 101 18Y A H62A   1 
HETATM 77  H H111   . 18Y A 1 . ? -6.391 1.682   -3.165  1.00 17.20 ? 101 18Y A H111   1 
HETATM 78  H H112   . 18Y A 1 . ? -6.720 0.123   -3.017  1.00 17.20 ? 101 18Y A H112   1 
HETATM 79  H H113   . 18Y A 1 . ? -7.891 1.158   -3.358  1.00 17.20 ? 101 18Y A H113   1 
HETATM 80  H H62B   A 18Y A 1 . ? -0.534 9.229   -10.603 0.33 52.47 ? 101 18Y A H62B   1 
HETATM 81  H H62B   B 18Y A 1 . ? -3.101 8.000   -12.025 0.33 52.47 ? 101 18Y A H62B   1 
HETATM 82  H H62B   C 18Y A 1 . ? 0.176  8.297   -8.665  0.33 18.33 ? 101 18Y A H62B   1 
HETATM 83  H H63B   A 18Y A 1 . ? -1.817 8.529   -11.256 0.33 52.47 ? 101 18Y A H63B   1 
HETATM 84  H H63B   B 18Y A 1 . ? -2.532 8.676   -10.690 0.33 52.47 ? 101 18Y A H63B   1 
HETATM 85  H H63B   C 18Y A 1 . ? -0.562 9.646   -8.220  0.33 18.33 ? 101 18Y A H63B   1 
HETATM 86  H H61B   A 18Y A 1 . ? -0.387 8.401   -11.965 0.33 52.47 ? 101 18Y A H61B   1 
HETATM 87  H H61B   B 18Y A 1 . ? -4.065 8.223   -10.767 0.33 52.47 ? 101 18Y A H61B   1 
HETATM 88  H H61B   C 18Y A 1 . ? -0.218 9.394   -9.762  0.33 18.33 ? 101 18Y A H61B   1 
HETATM 89  H H171   . 18Y A 1 . ? -2.561 4.288   -10.541 1.00 9.41  ? 101 18Y A H171   1 
HETATM 90  H H172   . 18Y A 1 . ? -3.080 3.804   -9.111  1.00 9.41  ? 101 18Y A H172   1 
HETATM 91  N N9     . GUN B 2 . ? -0.827 0.641   -10.860 1.00 6.01  ? 102 GUN A N9     1 
HETATM 92  C C8     . GUN B 2 . ? -0.900 1.996   -10.774 1.00 7.49  ? 102 GUN A C8     1 
HETATM 93  N N7     . GUN B 2 . ? -1.992 2.362   -10.095 1.00 6.56  ? 102 GUN A N7     1 
HETATM 94  C C5     . GUN B 2 . ? -2.792 1.257   -9.761  1.00 5.56  ? 102 GUN A C5     1 
HETATM 95  C C6     . GUN B 2 . ? -4.045 1.092   -9.203  1.00 5.59  ? 102 GUN A C6     1 
HETATM 96  O O6     . GUN B 2 . ? -4.844 1.889   -8.928  1.00 6.80  ? 102 GUN A O6     1 
HETATM 97  N N1     . GUN B 2 . ? -4.300 -0.305  -9.149  1.00 6.23  ? 102 GUN A N1     1 
HETATM 98  C C2     . GUN B 2 . ? -3.569 -1.310  -9.563  1.00 5.52  ? 102 GUN A C2     1 
HETATM 99  N N2     . GUN B 2 . ? -3.921 -2.597  -9.411  1.00 6.46  ? 102 GUN A N2     1 
HETATM 100 N N3     . GUN B 2 . ? -2.335 -1.112  -10.188 1.00 6.13  ? 102 GUN A N3     1 
HETATM 101 C C4     . GUN B 2 . ? -1.944 0.133   -10.248 1.00 6.18  ? 102 GUN A C4     1 
HETATM 102 H H8     . GUN B 2 . ? -0.264 2.598   -11.145 1.00 8.99  ? 102 GUN A H8     1 
HETATM 103 H HN1    A GUN B 2 . ? -5.067 -0.528  -8.781  0.50 7.48  ? 102 GUN A HN1    1 
HETATM 104 H HN1    B GUN B 2 . ? -3.394 -3.235  -9.707  0.50 7.75  ? 102 GUN A HN1    1 
HETATM 105 H HN21   . GUN B 2 . ? -4.680 -2.800  -9.015  1.00 7.75  ? 102 GUN A HN21   1 
HETATM 106 C C3     . 18Y C 1 . ? -1.351 2.379   -2.648  1.00 14.58 ? 101 18Y B C3     1 
HETATM 107 C C5     . 18Y C 1 . ? -6.190 -0.537  -0.154  1.00 9.12  ? 101 18Y B C5     1 
HETATM 108 O O1     . 18Y C 1 . ? -0.499 -1.008  -3.144  1.00 8.96  ? 101 18Y B O1     1 
HETATM 109 C "C7'"  . 18Y C 1 . ? -5.174 -9.639  -4.589  1.00 18.45 ? 101 18Y B "C7'"  1 
HETATM 110 O "O7'"  . 18Y C 1 . ? -5.832 -9.920  -3.554  1.00 26.59 ? 101 18Y B "O7'"  1 
HETATM 111 C "C8'"  . 18Y C 1 . ? -4.948 -10.531 -5.720  1.00 31.69 ? 101 18Y B "C8'"  1 
HETATM 112 C C1     . 18Y C 1 . ? -1.108 -0.002  -2.803  1.00 8.10  ? 101 18Y B C1     1 
HETATM 113 C C2     . 18Y C 1 . ? -0.536 1.370   -3.045  1.00 10.53 ? 101 18Y B C2     1 
HETATM 114 C C4     . 18Y C 1 . ? -2.688 2.396   -2.143  1.00 8.29  ? 101 18Y B C4     1 
HETATM 115 C C6     . 18Y C 1 . ? -6.707 -1.782  0.166   1.00 10.84 ? 101 18Y B C6     1 
HETATM 116 C C7     . 18Y C 1 . ? -6.063 -2.936  -0.243  1.00 9.58  ? 101 18Y B C7     1 
HETATM 117 O O8     . 18Y C 1 . ? -4.036 -3.902  -1.206  1.00 8.40  ? 101 18Y B O8     1 
HETATM 118 C C8     . 18Y C 1 . ? -4.793 -2.757  -0.903  1.00 7.31  ? 101 18Y B C8     1 
HETATM 119 O O9     . 18Y C 1 . ? -2.338 -2.452  -2.286  1.00 8.09  ? 101 18Y B O9     1 
HETATM 120 C C9     . 18Y C 1 . ? -2.980 -1.371  -1.917  1.00 6.74  ? 101 18Y B C9     1 
HETATM 121 O O10    . 18Y C 1 . ? -5.118 2.040   -0.864  1.00 7.75  ? 101 18Y B O10    1 
HETATM 122 C C19    . 18Y C 1 . ? -4.389 0.866   -1.175  1.00 6.52  ? 101 18Y B C19    1 
HETATM 123 O O11    . 18Y C 1 . ? -6.340 -4.785  1.326   1.00 10.89 ? 101 18Y B O11    1 
HETATM 124 C C11    . 18Y C 1 . ? -6.625 -4.225  -0.001  1.00 10.65 ? 101 18Y B C11    1 
HETATM 125 O O12    . 18Y C 1 . ? -6.177 -6.506  -0.068  1.00 11.53 ? 101 18Y B O12    1 
HETATM 126 C C12    . 18Y C 1 . ? -6.037 -5.356  -0.834  1.00 10.50 ? 101 18Y B C12    1 
HETATM 127 O O13    . 18Y C 1 . ? -3.786 -6.168  -1.577  1.00 9.85  ? 101 18Y B O13    1 
HETATM 128 C C13    . 18Y C 1 . ? -4.480 -5.260  -0.844  1.00 9.06  ? 101 18Y B C13    1 
HETATM 129 O O14    . 18Y C 1 . ? -3.318 -6.823  0.729   1.00 8.92  ? 101 18Y B O14    1 
HETATM 130 C C14    . 18Y C 1 . ? -4.158 -5.643  0.755   1.00 8.87  ? 101 18Y B C14    1 
HETATM 131 C C15    . 18Y C 1 . ? -5.513 -6.001  1.195   1.00 10.04 ? 101 18Y B C15    1 
HETATM 132 C C25    . 18Y C 1 . ? -5.709 -6.970  2.200   1.00 10.29 ? 101 18Y B C25    1 
HETATM 133 O "O1'"  . 18Y C 1 . ? -4.818 -5.898  -3.614  1.00 13.69 ? 101 18Y B "O1'"  1 
HETATM 134 C "C1'"  . 18Y C 1 . ? -3.629 -5.947  -2.962  1.00 12.04 ? 101 18Y B "C1'"  1 
HETATM 135 C "C2'"  . 18Y C 1 . ? -2.723 -6.981  -3.435  1.00 14.32 ? 101 18Y B "C2'"  1 
HETATM 136 O "O3'"  . 18Y C 1 . ? -3.472 -8.867  -2.591  1.00 15.49 ? 101 18Y B "O3'"  1 
HETATM 137 C "C3'"  . 18Y C 1 . ? -3.297 -8.262  -3.756  1.00 14.45 ? 101 18Y B "C3'"  1 
HETATM 138 O "O4'"  . 18Y C 1 . ? -4.207 -7.806  -5.832  1.00 19.44 ? 101 18Y B "O4'"  1 
HETATM 139 C "C4'"  . 18Y C 1 . ? -4.784 -8.270  -4.563  1.00 17.07 ? 101 18Y B "C4'"  1 
HETATM 140 C "C5'"  . 18Y C 1 . ? -5.365 -7.153  -3.896  1.00 14.53 ? 101 18Y B "C5'"  1 
HETATM 141 C "C6'"  . 18Y C 1 . ? -6.759 -6.911  -4.783  1.00 21.14 ? 101 18Y B "C6'"  1 
HETATM 142 C C20    . 18Y C 1 . ? -2.504 -0.099  -2.218  1.00 7.18  ? 101 18Y B C20    1 
HETATM 143 C C21    . 18Y C 1 . ? -3.199 1.009   -1.853  1.00 7.69  ? 101 18Y B C21    1 
HETATM 144 C C18    . 18Y C 1 . ? -8.021 -1.850  0.899   1.00 14.83 ? 101 18Y B C18    1 
HETATM 145 C C22    . 18Y C 1 . ? -4.289 -1.583  -1.193  1.00 7.13  ? 101 18Y B C22    1 
HETATM 146 C C23    . 18Y C 1 . ? -4.941 -0.417  -0.837  1.00 7.67  ? 101 18Y B C23    1 
HETATM 147 C C24    . 18Y C 1 . ? -4.946 2.448   0.502   1.00 10.14 ? 101 18Y B C24    1 
HETATM 148 O O26    . 18Y C 1 . ? -7.005 -7.258  2.578   1.00 21.05 ? 101 18Y B O26    1 
HETATM 149 C C27    . 18Y C 1 . ? -7.930 -8.195  2.164   1.00 18.09 ? 101 18Y B C27    1 
HETATM 150 C C28    . 18Y C 1 . ? -4.888 -7.343  4.336   1.00 17.91 ? 101 18Y B C28    1 
HETATM 151 C C17    . 18Y C 1 . ? -3.472 -4.601  1.655   1.00 7.72  ? 101 18Y B C17    1 
HETATM 152 O O16    . 18Y C 1 . ? -5.225 -6.380  3.386   1.00 14.00 ? 101 18Y B O16    1 
HETATM 153 H H3A    . 18Y C 1 . ? -1.378 2.990   -3.428  1.00 17.50 ? 101 18Y B H3A    1 
HETATM 154 H H3B    . 18Y C 1 . ? -0.826 2.857   -1.958  1.00 17.50 ? 101 18Y B H3B    1 
HETATM 155 H H5     . 18Y C 1 . ? -6.672 0.246   0.083   1.00 10.95 ? 101 18Y B H5     1 
HETATM 156 H "H81'" . 18Y C 1 . ? -4.436 -10.059 -6.409  1.00 47.53 ? 101 18Y B "H81'" 1 
HETATM 157 H "H82'" . 18Y C 1 . ? -5.811 -10.813 -6.089  1.00 47.53 ? 101 18Y B "H82'" 1 
HETATM 158 H "H83'" . 18Y C 1 . ? -4.447 -11.317 -5.421  1.00 47.53 ? 101 18Y B "H83'" 1 
HETATM 159 H H2B    . 18Y C 1 . ? -0.350 1.471   -4.012  1.00 12.64 ? 101 18Y B H2B    1 
HETATM 160 H H2A    . 18Y C 1 . ? 0.325  1.446   -2.563  1.00 12.64 ? 101 18Y B H2A    1 
HETATM 161 H H4A    . 18Y C 1 . ? -3.282 2.829   -2.807  1.00 9.95  ? 101 18Y B H4A    1 
HETATM 162 H H4B    . 18Y C 1 . ? -2.717 2.933   -1.313  1.00 9.95  ? 101 18Y B H4B    1 
HETATM 163 H H9     . 18Y C 1 . ? -1.717 -2.244  -2.811  1.00 12.13 ? 101 18Y B H9     1 
HETATM 164 H H11    . 18Y C 1 . ? -7.614 -4.189  -0.142  1.00 12.77 ? 101 18Y B H11    1 
HETATM 165 H H12    . 18Y C 1 . ? -6.439 -5.433  -1.747  1.00 12.61 ? 101 18Y B H12    1 
HETATM 166 H H16    . 18Y C 1 . ? -5.207 -7.807  1.989   1.00 12.35 ? 101 18Y B H16    1 
HETATM 167 H "H1'"  . 18Y C 1 . ? -3.175 -5.064  -3.082  1.00 14.44 ? 101 18Y B "H1'"  1 
HETATM 168 H "H2'"  . 18Y C 1 . ? -1.792 -6.819  -3.527  1.00 17.19 ? 101 18Y B "H2'"  1 
HETATM 169 H HO3    . 18Y C 1 . ? -3.340 -9.692  -2.681  1.00 23.24 ? 101 18Y B HO3    1 
HETATM 170 H "H3'"  . 18Y C 1 . ? -2.635 -8.784  -4.294  1.00 17.34 ? 101 18Y B "H3'"  1 
HETATM 171 H "H4'"  . 18Y C 1 . ? -4.339 -8.383  -6.427  1.00 29.16 ? 101 18Y B "H4'"  1 
HETATM 172 H "H5'"  . 18Y C 1 . ? -5.674 -7.506  -3.014  1.00 17.43 ? 101 18Y B "H5'"  1 
HETATM 173 H "H61'" . 18Y C 1 . ? -6.581 -6.274  -5.507  1.00 31.72 ? 101 18Y B "H61'" 1 
HETATM 174 H "H62'" . 18Y C 1 . ? -7.461 -6.554  -4.199  1.00 31.72 ? 101 18Y B "H62'" 1 
HETATM 175 H "H63'" . 18Y C 1 . ? -7.056 -7.764  -5.165  1.00 31.72 ? 101 18Y B "H63'" 1 
HETATM 176 H H61A   . 18Y C 1 . ? -8.494 -0.998  0.801   1.00 22.25 ? 101 18Y B H61A   1 
HETATM 177 H H63A   . 18Y C 1 . ? -8.566 -2.572  0.524   1.00 22.25 ? 101 18Y B H63A   1 
HETATM 178 H H62A   . 18Y C 1 . ? -7.856 -2.025  1.849   1.00 22.25 ? 101 18Y B H62A   1 
HETATM 179 H H111   . 18Y C 1 . ? -5.475 3.255   0.672   1.00 15.21 ? 101 18Y B H111   1 
HETATM 180 H H112   . 18Y C 1 . ? -3.999 2.636   0.671   1.00 15.21 ? 101 18Y B H112   1 
HETATM 181 H H113   . 18Y C 1 . ? -5.247 1.730   1.099   1.00 15.21 ? 101 18Y B H113   1 
HETATM 182 H H62B   . 18Y C 1 . ? -7.605 -9.093  2.384   1.00 27.14 ? 101 18Y B H62B   1 
HETATM 183 H H63B   . 18Y C 1 . ? -8.059 -8.122  1.196   1.00 27.14 ? 101 18Y B H63B   1 
HETATM 184 H H61B   . 18Y C 1 . ? -8.783 -8.036  2.620   1.00 27.14 ? 101 18Y B H61B   1 
HETATM 185 H H63C   . 18Y C 1 . ? -5.706 -7.714  4.727   1.00 26.87 ? 101 18Y B H63C   1 
HETATM 186 H H61C   . 18Y C 1 . ? -4.347 -6.931  5.041   1.00 26.87 ? 101 18Y B H61C   1 
HETATM 187 H H62C   . 18Y C 1 . ? -4.377 -8.060  3.907   1.00 26.87 ? 101 18Y B H62C   1 
HETATM 188 H H171   . 18Y C 1 . ? -4.163 -3.966  1.971   1.00 9.27  ? 101 18Y B H171   1 
HETATM 189 H H172   . 18Y C 1 . ? -3.119 -5.070  2.452   1.00 9.27  ? 101 18Y B H172   1 
HETATM 190 N N9     . GUN D 2 . ? -0.453 -3.239  0.092   1.00 6.57  ? 102 GUN B N9     1 
HETATM 191 C C8     . GUN D 2 . ? -1.259 -4.157  0.393   1.00 6.55  ? 102 GUN B C8     1 
HETATM 192 N N7     . GUN D 2 . ? -2.385 -3.828  1.070   1.00 6.48  ? 102 GUN B N7     1 
HETATM 193 C C5     . GUN D 2 . ? -2.254 -2.459  1.251   1.00 4.98  ? 102 GUN B C5     1 
HETATM 194 C C6     . GUN D 2 . ? -3.029 -1.494  1.958   1.00 5.85  ? 102 GUN B C6     1 
HETATM 195 O O6     . GUN D 2 . ? -4.119 -1.691  2.563   1.00 5.79  ? 102 GUN B O6     1 
HETATM 196 N N1     . GUN D 2 . ? -2.490 -0.258  1.832   1.00 4.66  ? 102 GUN B N1     1 
HETATM 197 C C2     . GUN D 2 . ? -1.292 0.061   1.216   1.00 6.05  ? 102 GUN B C2     1 
HETATM 198 N N2     . GUN D 2 . ? -0.946 1.326   1.219   1.00 5.45  ? 102 GUN B N2     1 
HETATM 199 N N3     . GUN D 2 . ? -0.540 -0.848  0.594   1.00 5.43  ? 102 GUN B N3     1 
HETATM 200 C C4     . GUN D 2 . ? -1.043 -2.126  0.657   1.00 5.25  ? 102 GUN B C4     1 
HETATM 201 H H8     . GUN D 2 . ? -1.083 -5.059  0.151   1.00 7.86  ? 102 GUN B H8     1 
HETATM 202 H HN1    . GUN D 2 . ? -2.947 0.410   2.176   1.00 5.60  ? 102 GUN B HN1    1 
HETATM 203 H HN21   . GUN D 2 . ? -0.211 1.582   0.808   1.00 6.53  ? 102 GUN B HN21   1 
HETATM 204 H HN22   . GUN D 2 . ? -1.448 1.920   1.632   1.00 6.53  ? 102 GUN B HN22   1 
HETATM 205 C C3     . 18Y E 1 . ? 1.024  -3.294  3.365   1.00 10.96 ? 101 18Y C C3     1 
HETATM 206 C C5     . 18Y E 1 . ? 1.079  2.847   3.656   1.00 8.23  ? 101 18Y C C5     1 
HETATM 207 O O1     . 18Y E 1 . ? 4.413  -2.563  2.737   1.00 9.09  ? 101 18Y C O1     1 
HETATM 208 C "C7'"  . 18Y E 1 . ? 10.580 4.268   4.251   1.00 16.22 ? 101 18Y C "C7'"  1 
HETATM 209 O "O7'"  . 18Y E 1 . ? 11.560 3.837   4.917   1.00 26.59 ? 101 18Y C "O7'"  1 
HETATM 210 C "C8'"  . 18Y E 1 . ? 10.471 5.526   3.549   1.00 21.08 ? 101 18Y C "C8'"  1 
HETATM 211 C C1     . 18Y E 1 . ? 3.198  -2.429  3.142   1.00 6.70  ? 101 18Y C C1     1 
HETATM 212 C C2     . 18Y E 1 . ? 2.404  -3.546  3.481   1.00 9.31  ? 101 18Y C C2     1 
HETATM 213 C C4     . 18Y E 1 . ? 0.497  -2.064  3.987   1.00 8.27  ? 101 18Y C C4     1 
HETATM 214 C C6     . 18Y E 1 . ? 1.822  3.922   3.417   1.00 8.33  ? 101 18Y C C6     1 
HETATM 215 C C7     . 18Y E 1 . ? 3.135  3.820   3.004   1.00 7.04  ? 101 18Y C C7     1 
HETATM 216 O O8     . 18Y E 1 . ? 4.816  2.446   2.047   1.00 8.10  ? 101 18Y C O8     1 
HETATM 217 C C8     . 18Y E 1 . ? 3.627  2.594   2.683   1.00 6.35  ? 101 18Y C C8     1 
HETATM 218 O O9     . 18Y E 1 . ? 4.734  -0.090  2.500   1.00 7.63  ? 101 18Y C O9     1 
HETATM 219 C C9     . 18Y E 1 . ? 3.451  0.094   2.911   1.00 6.64  ? 101 18Y C C9     1 
HETATM 220 O O10    . 18Y E 1 . ? -0.473 0.550   4.120   1.00 8.10  ? 101 18Y C O10    1 
HETATM 221 C C19    . 18Y E 1 . ? 0.870  0.384   3.812   1.00 7.15  ? 101 18Y C C19    1 
HETATM 222 O O11    . 18Y E 1 . ? 3.764  5.658   1.497   1.00 8.30  ? 101 18Y C O11    1 
HETATM 223 C C11    . 18Y E 1 . ? 3.974  4.973   2.743   1.00 7.06  ? 101 18Y C C11    1 
HETATM 224 O O12    . 18Y E 1 . ? 5.958  5.796   2.045   1.00 8.10  ? 101 18Y C O12    1 
HETATM 225 C C12    . 18Y E 1 . ? 5.415  4.672   2.757   1.00 6.72  ? 101 18Y C C12    1 
HETATM 226 O O13    . 18Y E 1 . ? 6.980  3.105   1.746   1.00 7.75  ? 101 18Y C O13    1 
HETATM 227 C C13    . 18Y E 1 . ? 5.690  3.573   1.781   1.00 7.33  ? 101 18Y C C13    1 
HETATM 228 O O14    . 18Y E 1 . ? 6.596  4.348   -0.361  1.00 7.54  ? 101 18Y C O14    1 
HETATM 229 C C14    . 18Y E 1 . ? 5.408  4.265   0.369   1.00 6.59  ? 101 18Y C C14    1 
HETATM 230 C C15    . 18Y E 1 . ? 5.059  5.682   0.951   1.00 7.08  ? 101 18Y C C15    1 
HETATM 231 C C25    . 18Y E 1 . ? 5.258  6.880   0.020   1.00 10.29 ? 101 18Y C C25    1 
HETATM 232 O "O1'"  . 18Y E 1 . ? 7.353  2.749   4.040   1.00 11.32 ? 101 18Y C "O1'"  1 
HETATM 233 C "C1'"  . 18Y E 1 . ? 7.440  2.212   2.703   1.00 10.03 ? 101 18Y C "C1'"  1 
HETATM 234 C "C2'"  . 18Y E 1 . ? 8.791  1.737   2.316   1.00 10.41 ? 101 18Y C "C2'"  1 
HETATM 235 O "O3'"  . 18Y E 1 . ? 9.697  3.829   1.640   1.00 16.13 ? 101 18Y C "O3'"  1 
HETATM 236 C "C3'"  . 18Y E 1 . ? 9.692  2.801   2.636   1.00 13.20 ? 101 18Y C "C3'"  1 
HETATM 237 O "O4'"  . 18Y E 1 . ? 9.999  2.255   5.021   1.00 17.92 ? 101 18Y C "O4'"  1 
HETATM 238 C "C4'"  . 18Y E 1 . ? 9.547  3.286   4.238   1.00 17.57 ? 101 18Y C "C4'"  1 
HETATM 239 C "C5'"  . 18Y E 1 . ? 8.211  3.806   4.300   1.00 12.89 ? 101 18Y C "C5'"  1 
HETATM 240 C "C6'"  . 18Y E 1 . ? 8.163  4.086   5.771   1.00 19.00 ? 101 18Y C "C6'"  1 
HETATM 241 C C20    . 18Y E 1 . ? 2.691  -1.076  3.244   1.00 6.87  ? 101 18Y C C20    1 
HETATM 242 C C21    . 18Y E 1 . ? 1.291  -0.890  3.673   1.00 7.06  ? 101 18Y C C21    1 
HETATM 243 C C18    . 18Y E 1 . ? 1.171  5.270   3.680   1.00 10.19 ? 101 18Y C C18    1 
HETATM 244 C C22    . 18Y E 1 . ? 2.951  1.389   3.016   1.00 6.43  ? 101 18Y C C22    1 
HETATM 245 C C23    . 18Y E 1 . ? 1.628  1.501   3.482   1.00 6.82  ? 101 18Y C C23    1 
HETATM 246 C C24    . 18Y E 1 . ? -0.792 0.665   5.508   1.00 10.02 ? 101 18Y C C24    1 
HETATM 247 O O26    . 18Y E 1 . ? 4.883  8.098   0.588   1.00 14.00 ? 101 18Y C O26    1 
HETATM 248 C C27    . 18Y E 1 . ? 6.007  8.816   0.921   1.00 17.91 ? 101 18Y C C27    1 
HETATM 249 C C28    . 18Y E 1 . ? 4.579  7.737   -2.107  1.00 18.09 ? 101 18Y C C28    1 
HETATM 250 C C17    . 18Y E 1 . ? 4.333  3.682   -0.451  1.00 7.22  ? 101 18Y C C17    1 
HETATM 251 O O16    . 18Y E 1 . ? 4.333  6.750   -1.021  1.00 9.96  ? 101 18Y C O16    1 
HETATM 252 H H3A    . 18Y E 1 . ? 0.540  -4.064  3.757   1.00 13.16 ? 101 18Y C H3A    1 
HETATM 253 H H3B    . 18Y E 1 . ? 0.799  -3.268  2.402   1.00 13.16 ? 101 18Y C H3B    1 
HETATM 254 H H5     . 18Y E 1 . ? 0.179  2.953   3.942   1.00 9.87  ? 101 18Y C H5     1 
HETATM 255 H "H81'" . 18Y E 1 . ? 10.840 5.429   2.647   1.00 31.63 ? 101 18Y C "H81'" 1 
HETATM 256 H "H82'" . 18Y E 1 . ? 10.970 6.216   4.034   1.00 31.63 ? 101 18Y C "H82'" 1 
HETATM 257 H "H83'" . 18Y E 1 . ? 9.528  5.785   3.490   1.00 31.63 ? 101 18Y C "H83'" 1 
HETATM 258 H H2B    . 18Y E 1 . ? 2.605  -3.816  4.411   1.00 11.17 ? 101 18Y C H2B    1 
HETATM 259 H H2A    . 18Y E 1 . ? 2.644  -4.303  2.889   1.00 11.17 ? 101 18Y C H2A    1 
HETATM 260 H H4A    . 18Y E 1 . ? -0.432 -1.916  3.678   1.00 9.92  ? 101 18Y C H4A    1 
HETATM 261 H H4B    . 18Y E 1 . ? 0.474  -2.184  4.969   1.00 9.92  ? 101 18Y C H4B    1 
HETATM 262 H H9     . 18Y E 1 . ? 4.921  -0.908  2.523   1.00 11.44 ? 101 18Y C H9     1 
HETATM 263 H H11    . 18Y E 1 . ? 3.804  5.633   3.475   1.00 8.48  ? 101 18Y C H11    1 
HETATM 264 H H12    . 18Y E 1 . ? 5.803  4.529   3.668   1.00 8.06  ? 101 18Y C H12    1 
HETATM 265 H H16    . 18Y E 1 . ? 6.194  6.916   -0.329  1.00 12.35 ? 101 18Y C H16    1 
HETATM 266 H "H1'"  . 18Y E 1 . ? 6.835  1.417   2.670   1.00 12.04 ? 101 18Y C "H1'"  1 
HETATM 267 H H2     . 18Y E 1 . ? 9.011  0.897   1.933   1.00 12.49 ? 101 18Y C H2     1 
HETATM 268 H HO3    . 18Y E 1 . ? 8.924  3.916   1.324   1.00 24.19 ? 101 18Y C HO3    1 
HETATM 269 H "H3'"  . 18Y E 1 . ? 10.601 2.387   2.577   1.00 15.85 ? 101 18Y C "H3'"  1 
HETATM 270 H "H4'"  . 18Y E 1 . ? 10.838 2.277   5.057   1.00 26.89 ? 101 18Y C "H4'"  1 
HETATM 271 H "H5'"  . 18Y E 1 . ? 8.058  4.609   3.726   1.00 15.47 ? 101 18Y C "H5'"  1 
HETATM 272 H "H61'" . 18Y E 1 . ? 7.230  4.109   6.068   1.00 28.50 ? 101 18Y C "H61'" 1 
HETATM 273 H "H62'" . 18Y E 1 . ? 8.585  4.951   5.952   1.00 28.50 ? 101 18Y C "H62'" 1 
HETATM 274 H "H63'" . 18Y E 1 . ? 8.643  3.381   6.253   1.00 28.50 ? 101 18Y C "H63'" 1 
HETATM 275 H H61A   . 18Y E 1 . ? 1.432  5.901   2.977   1.00 15.29 ? 101 18Y C H61A   1 
HETATM 276 H H63A   . 18Y E 1 . ? 0.196  5.167   3.682   1.00 15.29 ? 101 18Y C H63A   1 
HETATM 277 H H62A   . 18Y E 1 . ? 1.466  5.611   4.551   1.00 15.29 ? 101 18Y C H62A   1 
HETATM 278 H H111   . 18Y E 1 . ? -1.763 0.756   5.612   1.00 15.04 ? 101 18Y C H111   1 
HETATM 279 H H112   . 18Y E 1 . ? -0.349 1.455   5.880   1.00 15.04 ? 101 18Y C H112   1 
HETATM 280 H H113   . 18Y E 1 . ? -0.487 -0.136  5.982   1.00 15.04 ? 101 18Y C H113   1 
HETATM 281 H H62B   . 18Y E 1 . ? 6.144  9.531   0.264   1.00 26.87 ? 101 18Y C H62B   1 
HETATM 282 H H63B   . 18Y E 1 . ? 6.786  8.222   0.924   1.00 26.87 ? 101 18Y C H63B   1 
HETATM 283 H H61B   . 18Y E 1 . ? 5.892  9.209   1.811   1.00 26.87 ? 101 18Y C H61B   1 
HETATM 284 H H63C   . 18Y E 1 . ? 5.538  7.771   -2.309  1.00 27.14 ? 101 18Y C H63C   1 
HETATM 285 H H61C   . 18Y E 1 . ? 4.275  8.624   -1.819  1.00 27.14 ? 101 18Y C H61C   1 
HETATM 286 H H62C   . 18Y E 1 . ? 4.087  7.468   -2.911  1.00 27.14 ? 101 18Y C H62C   1 
HETATM 287 H H171   . 18Y E 1 . ? 3.502  3.666   0.086   1.00 8.66  ? 101 18Y C H171   1 
HETATM 288 H H172   . 18Y E 1 . ? 4.173  4.275   -1.228  1.00 8.66  ? 101 18Y C H172   1 
HETATM 289 N N9     . GUN F 2 . ? 5.622  0.645   -1.996  1.00 7.36  ? 102 GUN C N9     1 
HETATM 290 C C8     . GUN F 2 . ? 5.645  1.954   -1.732  1.00 8.07  ? 102 GUN C C8     1 
HETATM 291 N N7     . GUN F 2 . ? 4.592  2.330   -0.945  1.00 5.99  ? 102 GUN C N7     1 
HETATM 292 C C5     . GUN F 2 . ? 3.810  1.262   -0.792  1.00 5.08  ? 102 GUN C C5     1 
HETATM 293 C C6     . GUN F 2 . ? 2.504  1.028   -0.292  1.00 4.64  ? 102 GUN C C6     1 
HETATM 294 O O6     . GUN F 2 . ? 1.732  1.870   0.152   1.00 6.03  ? 102 GUN C O6     1 
HETATM 295 N N1     . GUN F 2 . ? 2.059  -0.312  -0.429  1.00 6.15  ? 102 GUN C N1     1 
HETATM 296 C C2     . GUN F 2 . ? 2.831  -1.317  -0.991  1.00 5.15  ? 102 GUN C C2     1 
HETATM 297 N N2     . GUN F 2 . ? 2.276  -2.538  -0.975  1.00 6.91  ? 102 GUN C N2     1 
HETATM 298 N N3     . GUN F 2 . ? 4.003  -1.133  -1.460  1.00 6.59  ? 102 GUN C N3     1 
HETATM 299 C C4     . GUN F 2 . ? 4.462  0.235   -1.382  1.00 5.63  ? 102 GUN C C4     1 
HETATM 300 H H8     . GUN F 2 . ? 6.313  2.551   -2.051  1.00 9.68  ? 102 GUN C H8     1 
HETATM 301 H HN1    . GUN F 2 . ? 1.252  -0.515  -0.143  1.00 7.38  ? 102 GUN C HN1    1 
HETATM 302 H HN21   . GUN F 2 . ? 2.723  -3.227  -1.291  1.00 8.30  ? 102 GUN C HN21   1 
HETATM 303 H HN22   . GUN F 2 . ? 1.467  -2.649  -0.649  1.00 8.30  ? 102 GUN C HN22   1 
HETATM 304 C C3     . 18Y G 1 . ? 5.004  1.653   6.904   1.00 9.40  ? 101 18Y D C3     1 
HETATM 305 C C5     . 18Y G 1 . ? -0.270 -1.079  8.679   1.00 8.86  ? 101 18Y D C5     1 
HETATM 306 O O1     . 18Y G 1 . ? 5.505  -1.719  5.974   1.00 9.05  ? 101 18Y D O1     1 
HETATM 307 C "C7'"  . 18Y G 1 . ? 0.594  -9.971  4.015   1.00 18.07 ? 101 18Y D "C7'"  1 
HETATM 308 O "O7'"  . 18Y G 1 . ? -0.090 -10.286 5.001   1.00 25.40 ? 101 18Y D "O7'"  1 
HETATM 309 C "C8'"  . 18Y G 1 . ? 0.854  -10.764 2.828   1.00 23.15 ? 101 18Y D "C8'"  1 
HETATM 310 C C1     . 18Y G 1 . ? 4.894  -0.737  6.290   1.00 7.70  ? 101 18Y D C1     1 
HETATM 311 C C2     . 18Y G 1 . ? 5.504  0.699   6.117   1.00 8.69  ? 101 18Y D C2     1 
HETATM 312 C C4     . 18Y G 1 . ? 3.408  1.765   7.035   1.00 8.11  ? 101 18Y D C4     1 
HETATM 313 C C6     . 18Y G 1 . ? -0.790 -2.287  8.897   1.00 8.40  ? 101 18Y D C6     1 
HETATM 314 C C7     . 18Y G 1 . ? -0.180 -3.461  8.495   1.00 8.92  ? 101 18Y D C7     1 
HETATM 315 O O8     . 18Y G 1 . ? 1.753  -4.540  7.621   1.00 8.94  ? 101 18Y D O8     1 
HETATM 316 C C8     . 18Y G 1 . ? 1.055  -3.412  7.942   1.00 7.30  ? 101 18Y D C8     1 
HETATM 317 O O9     . 18Y G 1 . ? 3.641  -3.161  6.670   1.00 8.30  ? 101 18Y D O9     1 
HETATM 318 C C9     . 18Y G 1 . ? 2.946  -2.057  7.090   1.00 7.20  ? 101 18Y D C9     1 
HETATM 319 O O10    . 18Y G 1 . ? 0.933  1.370   8.232   1.00 7.41  ? 101 18Y D O10    1 
HETATM 320 C C19    . 18Y G 1 . ? 1.693  0.265   7.825   1.00 6.53  ? 101 18Y D C19    1 
HETATM 321 O O11    . 18Y G 1 . ? -0.807 -5.428  9.960   1.00 11.21 ? 101 18Y D O11    1 
HETATM 322 C C11    . 18Y G 1 . ? -0.892 -4.842  8.543   1.00 9.61  ? 101 18Y D C11    1 
HETATM 323 O O12    . 18Y G 1 . ? -0.546 -7.115  8.501   1.00 10.56 ? 101 18Y D O12    1 
HETATM 324 C C12    . 18Y G 1 . ? -0.299 -5.939  7.857   1.00 9.53  ? 101 18Y D C12    1 
HETATM 325 O O13    . 18Y G 1 . ? 1.934  -6.735  7.185   1.00 9.43  ? 101 18Y D O13    1 
HETATM 326 C C13    . 18Y G 1 . ? 1.215  -5.827  7.903   1.00 9.14  ? 101 18Y D C13    1 
HETATM 327 O O14    . 18Y G 1 . ? 2.264  -7.489  9.462   1.00 10.09 ? 101 18Y D O14    1 
HETATM 328 C C14    . 18Y G 1 . ? 1.382  -6.339  9.454   1.00 8.82  ? 101 18Y D C14    1 
HETATM 329 C C15    . 18Y G 1 . ? -0.028 -6.692  9.755   1.00 9.97  ? 101 18Y D C15    1 
HETATM 330 C C25    . 18Y G 1 . ? -0.367 -7.649  11.000  1.00 10.29 ? 101 18Y D C25    1 
HETATM 331 O "O1'"  . 18Y G 1 . ? 1.035  -6.396  5.021   1.00 12.48 ? 101 18Y D "O1'"  1 
HETATM 332 C "C1'"  . 18Y G 1 . ? 2.175  -6.467  5.748   1.00 10.26 ? 101 18Y D "C1'"  1 
HETATM 333 C "C2'"  . 18Y G 1 . ? 3.086  -7.570  5.236   1.00 11.50 ? 101 18Y D "C2'"  1 
HETATM 334 O "O3'"  . 18Y G 1 . ? 2.146  -9.482  6.192   1.00 16.11 ? 101 18Y D "O3'"  1 
HETATM 335 C "C3'"  . 18Y G 1 . ? 2.536  -8.803  4.965   1.00 14.36 ? 101 18Y D "C3'"  1 
HETATM 336 O "O4'"  . 18Y G 1 . ? 1.708  -8.276  2.888   1.00 19.24 ? 101 18Y D "O4'"  1 
HETATM 337 C "C4'"  . 18Y G 1 . ? 1.062  -8.625  4.149   1.00 15.69 ? 101 18Y D "C4'"  1 
HETATM 338 C "C5'"  . 18Y G 1 . ? 0.308  -7.628  4.765   1.00 13.51 ? 101 18Y D "C5'"  1 
HETATM 339 C "C6'"  . 18Y G 1 . ? -0.851 -7.285  3.879   1.00 26.25 ? 101 18Y D "C6'"  1 
HETATM 340 C C20    . 18Y G 1 . ? 3.526  -0.764  6.853   1.00 7.01  ? 101 18Y D C20    1 
HETATM 341 C C21    . 18Y G 1 . ? 2.821  0.370   7.218   1.00 7.63  ? 101 18Y D C21    1 
HETATM 342 C C18    . 18Y G 1 . ? -2.269 -2.362  9.536   1.00 10.91 ? 101 18Y D C18    1 
HETATM 343 C C22    . 18Y G 1 . ? 1.653  -2.190  7.657   1.00 6.63  ? 101 18Y D C22    1 
HETATM 344 C C23    . 18Y G 1 . ? 0.985  -1.048  8.091   1.00 6.93  ? 101 18Y D C23    1 
HETATM 345 C C24    . 18Y G 1 . ? 1.134  1.728   9.572   1.00 9.92  ? 101 18Y D C24    1 
HETATM 346 O O26    A 18Y G 1 . ? -1.595 -7.843  11.684  0.23 14.00 ? 101 18Y D O26    1 
HETATM 347 O O26    B 18Y G 1 . ? -1.764 -7.844  10.821  0.77 21.60 ? 101 18Y D O26    1 
HETATM 348 C C27    . 18Y G 1 . ? -2.391 -8.933  11.257  1.00 18.09 ? 101 18Y D C27    1 
HETATM 349 C C28    . 18Y G 1 . ? 0.176  -7.677  13.350  1.00 17.91 ? 101 18Y D C28    1 
HETATM 350 C C17    . 18Y G 1 . ? 2.005  -5.360  10.428  1.00 8.75  ? 101 18Y D C17    1 
HETATM 351 O O16    A 18Y G 1 . ? 0.024  -6.987  12.085  0.89 14.00 ? 101 18Y D O16    1 
HETATM 352 O O16    B 18Y G 1 . ? 0.483  -8.072  12.027  0.11 7.41  ? 101 18Y D O16    1 
HETATM 353 H H3A    . 18Y G 1 . ? 5.342  2.524   6.575   1.00 11.28 ? 101 18Y D H3A    1 
HETATM 354 H H3B    . 18Y G 1 . ? 5.374  1.521   7.812   1.00 11.28 ? 101 18Y D H3B    1 
HETATM 355 H H5     . 18Y G 1 . ? -0.734 -0.283  8.913   1.00 10.63 ? 101 18Y D H5     1 
HETATM 356 H "H81'" . 18Y G 1 . ? 1.307  -10.210 2.159   1.00 34.72 ? 101 18Y D "H81'" 1 
HETATM 357 H "H82'" . 18Y G 1 . ? 0.007  -11.093 2.462   1.00 34.72 ? 101 18Y D "H82'" 1 
HETATM 358 H "H83'" . 18Y G 1 . ? 1.426  -11.525 3.063   1.00 34.72 ? 101 18Y D "H83'" 1 
HETATM 359 H H2B    . 18Y G 1 . ? 5.379  0.977   5.175   1.00 10.42 ? 101 18Y D H2B    1 
HETATM 360 H H2A    . 18Y G 1 . ? 6.479  0.642   6.281   1.00 10.42 ? 101 18Y D H2A    1 
HETATM 361 H H4A    . 18Y G 1 . ? 3.175  2.332   7.812   1.00 9.73  ? 101 18Y D H4A    1 
HETATM 362 H H4B    . 18Y G 1 . ? 3.033  2.184   6.221   1.00 9.73  ? 101 18Y D H4B    1 
HETATM 363 H H9     . 18Y G 1 . ? 4.443  -2.953  6.537   1.00 12.46 ? 101 18Y D H9     1 
HETATM 364 H H11    . 18Y G 1 . ? -1.850 -4.745  8.270   1.00 11.53 ? 101 18Y D H11    1 
HETATM 365 H H12    . 18Y G 1 . ? -0.622 -5.980  6.911   1.00 11.43 ? 101 18Y D H12    1 
HETATM 366 H H16    . 18Y G 1 . ? 0.130  -8.514  10.922  1.00 12.35 ? 101 18Y D H16    1 
HETATM 367 H "H1'"  . 18Y G 1 . ? 2.658  -5.595  5.665   1.00 12.31 ? 101 18Y D "H1'"  1 
HETATM 368 H "H2'"  . 18Y G 1 . ? 4.014  -7.412  5.105   1.00 13.80 ? 101 18Y D "H2'"  1 
HETATM 369 H HO3    . 18Y G 1 . ? 2.792  -9.934  6.481   1.00 24.17 ? 101 18Y D HO3    1 
HETATM 370 H "H3'"  . 18Y G 1 . ? 3.171  -9.366  4.435   1.00 17.23 ? 101 18Y D "H3'"  1 
HETATM 371 H "H4'"  . 18Y G 1 . ? 2.510  -8.526  2.905   1.00 28.86 ? 101 18Y D "H4'"  1 
HETATM 372 H "H5'"  . 18Y G 1 . ? -0.043 -7.981  5.632   1.00 16.21 ? 101 18Y D "H5'"  1 
HETATM 373 H "H61'" . 18Y G 1 . ? -0.964 -7.734  3.050   1.00 31.49 ? 101 18Y D "H61'" 1 
HETATM 374 H "H62'" . 18Y G 1 . ? -1.473 -6.619  4.148   1.00 31.49 ? 101 18Y D "H62'" 1 
HETATM 375 H "H63'" . 18Y G 1 . ? -1.682 -7.468  4.367   1.00 32.26 ? 101 18Y D "H63'" 1 
HETATM 376 H H61A   . 18Y G 1 . ? -2.641 -1.459  9.607   0.33 16.37 ? 101 18Y D H61A   1 
HETATM 377 H H63A   . 18Y G 1 . ? -2.846 -2.908  8.962   0.33 16.37 ? 101 18Y D H63A   1 
HETATM 378 H H62A   . 18Y G 1 . ? -2.220 -2.767  10.427  0.33 16.37 ? 101 18Y D H62A   1 
HETATM 379 H H111   . 18Y G 1 . ? 0.633  2.546   9.771   1.00 14.88 ? 101 18Y D H111   1 
HETATM 380 H H112   . 18Y G 1 . ? 2.089  1.882   9.729   1.00 14.88 ? 101 18Y D H112   1 
HETATM 381 H H113   . 18Y G 1 . ? 0.821  1.004   10.154  1.00 14.88 ? 101 18Y D H113   1 
HETATM 382 H H62B   . 18Y G 1 . ? -2.180 -9.723  11.797  0.33 27.14 ? 101 18Y D H62B   1 
HETATM 383 H H63B   . 18Y G 1 . ? -2.205 -9.122  10.314  0.33 27.14 ? 101 18Y D H63B   1 
HETATM 384 H H61B   . 18Y G 1 . ? -3.338 -8.707  11.364  0.33 27.14 ? 101 18Y D H61B   1 
HETATM 385 H H63C   . 18Y G 1 . ? 1.108  -7.964  13.454  0.33 26.87 ? 101 18Y D H63C   1 
HETATM 386 H H61C   . 18Y G 1 . ? -0.411 -8.460  13.368  0.33 26.87 ? 101 18Y D H61C   1 
HETATM 387 H H62C   . 18Y G 1 . ? -0.063 -7.072  14.082  0.33 26.87 ? 101 18Y D H62C   1 
HETATM 388 H H171   . 18Y G 1 . ? 1.303  -4.708  10.674  1.00 10.50 ? 101 18Y D H171   1 
HETATM 389 H H172   . 18Y G 1 . ? 2.226  -5.866  11.249  1.00 10.50 ? 101 18Y D H172   1 
HETATM 390 N N9     . GUN H 2 . ? 5.154  -3.999  9.259   1.00 6.87  ? 102 GUN D N9     1 
HETATM 391 C C8     . GUN H 2 . ? 4.300  -5.037  9.412   1.00 7.41  ? 102 GUN D C8     1 
HETATM 392 N N7     . GUN H 2 . ? 3.173  -4.606  10.070  1.00 6.48  ? 102 GUN D N7     1 
HETATM 393 C C5     . GUN H 2 . ? 3.352  -3.289  10.341  1.00 5.36  ? 102 GUN D C5     1 
HETATM 394 C C6     . GUN H 2 . ? 2.534  -2.334  11.085  1.00 5.95  ? 102 GUN D C6     1 
HETATM 395 O O6     . GUN H 2 . ? 1.460  -2.467  11.626  1.00 6.89  ? 102 GUN D O6     1 
HETATM 396 N N1     . GUN H 2 . ? 3.218  -1.084  11.163  1.00 5.27  ? 102 GUN D N1     1 
HETATM 397 C C2     . GUN H 2 . ? 4.427  -0.838  10.617  1.00 5.18  ? 102 GUN D C2     1 
HETATM 398 N N2     . GUN H 2 . ? 4.845  0.394   10.734  1.00 6.23  ? 102 GUN D N2     1 
HETATM 399 N N3     . GUN H 2 . ? 5.148  -1.690  9.927   1.00 5.99  ? 102 GUN D N3     1 
HETATM 400 C C4     . GUN H 2 . ? 4.602  -2.885  9.840   1.00 5.45  ? 102 GUN D C4     1 
HETATM 401 H H8     . GUN H 2 . ? 4.457  -5.925  9.112   1.00 8.89  ? 102 GUN D H8     1 
HETATM 402 H HN1    . GUN H 2 . ? 2.823  -0.429  11.599  1.00 6.32  ? 102 GUN D HN1    1 
HETATM 403 H HN21   . GUN H 2 . ? 5.598  0.641   10.354  1.00 7.47  ? 102 GUN D HN21   1 
HETATM 404 H HN22   . GUN H 2 . ? 4.371  0.977   11.194  1.00 7.47  ? 102 GUN D HN22   1 
HETATM 405 S S      . DMS I 3 . ? -3.804 -3.841  5.528   1.00 17.53 ? 106 DMS C S      1 
HETATM 406 O O      . DMS I 3 . ? -4.002 -4.307  6.977   1.00 19.64 ? 106 DMS C O      1 
HETATM 407 C C1     . DMS I 3 . ? -2.973 -2.256  5.591   1.00 15.07 ? 106 DMS C C1     1 
HETATM 408 C C2     . DMS I 3 . ? -5.407 -3.197  4.981   1.00 15.73 ? 106 DMS C C2     1 
HETATM 409 H H11    . DMS I 3 . ? -2.956 -1.933  6.516   1.00 22.60 ? 106 DMS C H11    1 
HETATM 410 H H12    . DMS I 3 . ? -3.452 -1.613  5.028   1.00 22.60 ? 106 DMS C H12    1 
HETATM 411 H H13    . DMS I 3 . ? -2.054 -2.355  5.265   1.00 22.60 ? 106 DMS C H13    1 
HETATM 412 H H21    . DMS I 3 . ? -5.652 -2.422  5.528   1.00 23.60 ? 106 DMS C H21    1 
HETATM 413 H H22    . DMS I 3 . ? -6.090 -3.894  5.078   1.00 23.60 ? 106 DMS C H22    1 
HETATM 414 H H23    . DMS I 3 . ? -5.348 -2.928  4.040   1.00 23.60 ? 106 DMS C H23    1 
HETATM 415 S S      . DMS J 3 . ? -5.692 4.079   -11.420 1.00 19.83 ? 107 DMS C S      1 
HETATM 416 O O      . DMS J 3 . ? -6.671 5.017   -12.184 1.00 28.65 ? 107 DMS C O      1 
HETATM 417 C C1     . DMS J 3 . ? -6.063 4.673   -9.771  1.00 19.82 ? 107 DMS C C1     1 
HETATM 418 C C2     . DMS J 3 . ? -6.599 2.558   -11.586 1.00 15.35 ? 107 DMS C C2     1 
HETATM 419 H H11    . DMS J 3 . ? -5.987 5.650   -9.750  1.00 29.73 ? 107 DMS C H11    1 
HETATM 420 H H12    . DMS J 3 . ? -5.432 4.282   -9.132  1.00 29.73 ? 107 DMS C H12    1 
HETATM 421 H H13    . DMS J 3 . ? -6.977 4.413   -9.528  1.00 29.73 ? 107 DMS C H13    1 
HETATM 422 H H21    . DMS J 3 . ? -6.395 1.972   -10.827 1.00 23.02 ? 107 DMS C H21    1 
HETATM 423 H H22    . DMS J 3 . ? -6.342 2.113   -12.420 1.00 23.02 ? 107 DMS C H22    1 
HETATM 424 H H23    . DMS J 3 . ? -7.560 2.750   -11.601 1.00 23.02 ? 107 DMS C H23    1 
HETATM 425 S S      A DMS K 3 . ? 3.890  10.746  -8.201  0.39 17.53 ? 108 DMS D S      1 
HETATM 426 S S      B DMS K 3 . ? 2.214  10.655  -8.151  0.61 17.53 ? 108 DMS D S      1 
HETATM 427 O O      A DMS K 3 . ? 3.476  11.916  -9.117  0.39 19.64 ? 108 DMS D O      1 
HETATM 428 O O      B DMS K 3 . ? 2.963  11.544  -9.195  0.61 19.64 ? 108 DMS D O      1 
HETATM 429 C C1     A DMS K 3 . ? 3.107  9.384   -9.083  0.39 15.07 ? 108 DMS D C1     1 
HETATM 430 C C1     B DMS K 3 . ? 2.724  8.997   -8.669  0.61 15.07 ? 108 DMS D C1     1 
HETATM 431 C C2     A DMS K 3 . ? 2.656  10.910  -6.888  0.39 15.73 ? 108 DMS D C2     1 
HETATM 432 C C2     B DMS K 3 . ? 3.442  10.677  -6.812  0.61 15.73 ? 108 DMS D C2     1 
HETATM 433 H H11    A DMS K 3 . ? 2.471  8.933   -8.490  0.39 22.60 ? 108 DMS D H11    1 
HETATM 434 H H11    B DMS K 3 . ? 2.000  8.361   -8.490  0.61 22.60 ? 108 DMS D H11    1 
HETATM 435 H H12    A DMS K 3 . ? 3.792  8.745   -9.373  0.39 22.60 ? 108 DMS D H12    1 
HETATM 436 H H12    B DMS K 3 . ? 3.524  8.730   -8.171  0.61 22.60 ? 108 DMS D H12    1 
HETATM 437 H H13    A DMS K 3 . ? 2.633  9.732   -9.867  0.39 22.60 ? 108 DMS D H13    1 
HETATM 438 H H13    B DMS K 3 . ? 2.924  9.002   -9.628  0.61 22.60 ? 108 DMS D H13    1 
HETATM 439 H H21    A DMS K 3 . ? 2.754  10.169  -6.253  0.39 23.60 ? 108 DMS D H21    1 
HETATM 440 H H21    B DMS K 3 . ? 2.989  10.830  -5.956  0.61 23.60 ? 108 DMS D H21    1 
HETATM 441 H H22    A DMS K 3 . ? 1.758  10.890  -7.278  0.39 23.60 ? 108 DMS D H22    1 
HETATM 442 H H22    B DMS K 3 . ? 4.087  11.396  -6.973  0.61 23.60 ? 108 DMS D H22    1 
HETATM 443 H H23    A DMS K 3 . ? 2.789  11.760  -6.419  0.39 23.60 ? 108 DMS D H23    1 
HETATM 444 H H23    B DMS K 3 . ? 3.911  9.816   -6.784  0.61 23.60 ? 108 DMS D H23    1 
HETATM 445 O O      . HOH L 4 . ? 2.629  9.552   -0.554  0.50 12.25 ? 201 HOH D O      1 
HETATM 446 O O      . HOH L 4 . ? -1.587 6.952   -3.645  0.50 12.37 ? 202 HOH D O      1 
HETATM 447 O O      . HOH L 4 . ? 4.463  6.431   6.174   0.50 25.69 ? 203 HOH D O      1 
HETATM 448 O O      . HOH L 4 . ? 11.118 8.651   3.507   0.50 23.63 ? 204 HOH D O      1 
HETATM 449 O O      . HOH L 4 . ? 3.399  -9.517  8.142   0.50 24.18 ? 205 HOH D O      1 
HETATM 450 O O      . HOH L 4 . ? 5.881  4.095   9.438   0.50 23.27 ? 206 HOH D O      1 
HETATM 451 O O      . HOH L 4 . ? -8.682 -5.245  5.248   0.50 33.87 ? 207 HOH D O      1 
# 
loop_
_atom_site_anisotrop.id 
_atom_site_anisotrop.type_symbol 
_atom_site_anisotrop.pdbx_label_atom_id 
_atom_site_anisotrop.pdbx_label_alt_id 
_atom_site_anisotrop.pdbx_label_comp_id 
_atom_site_anisotrop.pdbx_label_asym_id 
_atom_site_anisotrop.pdbx_label_seq_id 
_atom_site_anisotrop.pdbx_PDB_ins_code 
_atom_site_anisotrop.U[1][1] 
_atom_site_anisotrop.U[2][2] 
_atom_site_anisotrop.U[3][3] 
_atom_site_anisotrop.U[1][2] 
_atom_site_anisotrop.U[1][3] 
_atom_site_anisotrop.U[2][3] 
_atom_site_anisotrop.pdbx_auth_seq_id 
_atom_site_anisotrop.pdbx_auth_comp_id 
_atom_site_anisotrop.pdbx_auth_asym_id 
_atom_site_anisotrop.pdbx_auth_atom_id 
1   C C3    . 18Y A . ? 0.1314 0.0981 0.0942 -0.0149 -0.0120 -0.0002 101 18Y A C3    
2   C C5    . 18Y A . ? 0.1003 0.1016 0.0807 0.0176  0.0253  -0.0036 101 18Y A C5    
3   O O1    . 18Y A . ? 0.1242 0.0729 0.1293 0.0018  -0.0010 0.0013  101 18Y A O1    
4   C "C7'" . 18Y A . ? 0.2016 0.3983 0.3166 0.0369  0.0208  -0.0762 101 18Y A "C7'" 
5   O "O7'" . 18Y A . ? 0.3481 0.2568 0.3602 -0.0918 0.0335  -0.0600 101 18Y A "O7'" 
6   C "C8'" . 18Y A . ? 0.4104 0.2793 0.6041 -0.2157 -0.0948 0.0875  101 18Y A "C8'" 
7   C C1    . 18Y A . ? 0.1310 0.0961 0.0535 0.0018  -0.0225 -0.0002 101 18Y A C1    
8   C C2    . 18Y A . ? 0.1221 0.0812 0.0918 -0.0126 -0.0080 0.0070  101 18Y A C2    
9   C C4    . 18Y A . ? 0.1082 0.1114 0.0919 -0.0186 -0.0068 0.0035  101 18Y A C4    
10  C C6    . 18Y A . ? 0.0820 0.1201 0.0904 0.0254  0.0450  0.0024  101 18Y A C6    
11  C C7    . 18Y A . ? 0.1042 0.0832 0.0987 0.0035  0.0093  -0.0086 101 18Y A C7    
12  O O8    . 18Y A . ? 0.0905 0.0670 0.1059 -0.0007 0.0262  -0.0035 101 18Y A O8    
13  C C8    . 18Y A . ? 0.0798 0.1122 0.0764 0.0100  0.0267  -0.0115 101 18Y A C8    
14  O O9    . 18Y A . ? 0.0846 0.0879 0.0915 0.0142  0.0133  -0.0087 101 18Y A O9    
15  C C9    . 18Y A . ? 0.0904 0.1041 0.0686 0.0118  -0.0092 -0.0167 101 18Y A C9    
16  O O10   . 18Y A . ? 0.0871 0.1510 0.0953 0.0066  0.0045  0.0131  101 18Y A O10   
17  C C19   . 18Y A . ? 0.1056 0.0998 0.0548 0.0019  0.0044  0.0042  101 18Y A C19   
18  O O11   . 18Y A . ? 0.1156 0.0948 0.1413 0.0261  0.0407  0.0007  101 18Y A O11   
19  C C11   . 18Y A . ? 0.0889 0.1036 0.1035 0.0084  0.0275  -0.0082 101 18Y A C11   
20  O O12   . 18Y A . ? 0.1181 0.0812 0.1559 0.0063  0.0436  -0.0051 101 18Y A O12   
21  C C12   . 18Y A . ? 0.1145 0.0686 0.1193 -0.0135 0.0214  -0.0075 101 18Y A C12   
22  O O13   . 18Y A . ? 0.1013 0.0895 0.1137 -0.0084 0.0194  0.0198  101 18Y A O13   
23  C C13   . 18Y A . ? 0.0964 0.0999 0.1181 0.0187  0.0431  0.0058  101 18Y A C13   
24  O O14   . 18Y A . ? 0.1113 0.0722 0.1339 0.0144  0.0484  0.0042  101 18Y A O14   
25  C C14   . 18Y A . ? 0.0725 0.0818 0.1184 -0.0037 0.0356  0.0038  101 18Y A C14   
26  C C15   . 18Y A . ? 0.1151 0.0819 0.1157 0.0194  0.0310  0.0075  101 18Y A C15   
27  C C25   . 18Y A . ? 0.1575 0.0791 0.1857 0.0224  0.0511  0.0102  101 18Y A C25   
28  O "O1'" . 18Y A . ? 0.1604 0.1564 0.1152 -0.0059 0.0225  0.0035  101 18Y A "O1'" 
29  C "C1'" . 18Y A . ? 0.1225 0.1764 0.0824 0.0530  0.0240  0.0189  101 18Y A "C1'" 
30  C "C2'" . 18Y A . ? 0.1099 0.1310 0.1486 0.0152  0.0058  0.0295  101 18Y A "C2'" 
31  O "O3'" . 18Y A . ? 0.3371 0.1986 0.2272 -0.0843 0.0961  -0.0305 101 18Y A "O3'" 
32  C "C3'" . 18Y A . ? 0.1256 0.2686 0.2221 0.0417  0.0528  -0.0360 101 18Y A "C3'" 
33  O "O4'" . 18Y A . ? 0.2149 0.4093 0.2535 0.0678  -0.0020 -0.0757 101 18Y A "O4'" 
34  C "C4'" . 18Y A . ? 0.2517 0.2006 0.2389 -0.0649 0.0590  -0.0537 101 18Y A "C4'" 
35  C "C5'" . 18Y A . ? 0.1621 0.2754 0.1814 0.0453  0.0471  -0.0781 101 18Y A "C5'" 
36  C "C6'" . 18Y A . ? 0.2646 0.2613 0.2132 -0.0412 0.0351  -0.0836 101 18Y A "C6'" 
37  C C20   . 18Y A . ? 0.0972 0.0814 0.0676 -0.0022 -0.0102 -0.0051 101 18Y A C20   
38  C C21   . 18Y A . ? 0.1051 0.1154 0.0692 -0.0029 -0.0145 0.0023  101 18Y A C21   
39  C C18   . 18Y A . ? 0.1390 0.0965 0.1519 0.0408  0.0597  -0.0011 101 18Y A C18   
40  C C22   . 18Y A . ? 0.0894 0.0774 0.0599 0.0061  0.0051  -0.0015 101 18Y A C22   
41  C C23   . 18Y A . ? 0.0822 0.1212 0.0566 0.0151  0.0084  0.0049  101 18Y A C23   
42  C C24   . 18Y A . ? 0.0920 0.3103 0.0333 -0.0066 0.0089  0.0008  101 18Y A C24   
43  O O26   A 18Y A . ? 0.1606 0.0850 0.1334 0.0181  0.0204  0.0285  101 18Y A O26   
44  O O26   B 18Y A . ? 0.1606 0.0850 0.1334 0.0181  0.0204  0.0285  101 18Y A O26   
45  O O26   C 18Y A . ? 0.1873 0.0742 0.1843 0.0344  0.0797  0.0143  101 18Y A O26   
46  C C27   A 18Y A . ? 0.2152 0.5770 0.5370 -0.0306 -0.0164 0.4093  101 18Y A C27   
47  C C27   B 18Y A . ? 0.2152 0.5770 0.5370 -0.0306 -0.0164 0.4093  101 18Y A C27   
48  C C27   C 18Y A . ? 0.1625 0.0886 0.2132 -0.0167 0.0431  0.0302  101 18Y A C27   
49  C C17   . 18Y A . ? 0.0949 0.0928 0.1101 0.0235  0.0473  0.0027  101 18Y A C17   
91  N N9    . GUN B . ? 0.0662 0.0825 0.0796 0.0037  0.0142  -0.0109 102 GUN A N9    
92  C C8    . GUN B . ? 0.0718 0.1076 0.1051 0.0104  0.0150  0.0108  102 GUN A C8    
93  N N7    . GUN B . ? 0.0465 0.1035 0.0991 -0.0052 0.0274  -0.0029 102 GUN A N7    
94  C C5    . GUN B . ? 0.0759 0.0810 0.0543 0.0131  0.0072  -0.0076 102 GUN A C5    
95  C C6    . GUN B . ? 0.0354 0.0923 0.0845 -0.0067 -0.0035 0.0072  102 GUN A C6    
96  O O6    . GUN B . ? 0.0764 0.0894 0.0926 0.0340  0.0239  -0.0028 102 GUN A O6    
97  N N1    . GUN B . ? 0.0782 0.0792 0.0793 0.0343  0.0075  -0.0028 102 GUN A N1    
98  C C2    . GUN B . ? 0.0471 0.0904 0.0723 -0.0112 -0.0236 0.0099  102 GUN A C2    
99  N N2    . GUN B . ? 0.0810 0.0694 0.0951 0.0153  0.0125  -0.0101 102 GUN A N2    
100 N N3    . GUN B . ? 0.0905 0.0681 0.0743 0.0047  0.0113  -0.0079 102 GUN A N3    
101 C C4    . GUN B . ? 0.0410 0.1046 0.0891 -0.0086 -0.0073 0.0153  102 GUN A C4    
106 C C3    . 18Y C . ? 0.2205 0.1163 0.2173 -0.0407 0.0889  0.0001  101 18Y B C3    
107 C C5    . 18Y C . ? 0.0983 0.1088 0.1395 0.0184  -0.0020 0.0163  101 18Y B C5    
108 O O1    . 18Y C . ? 0.1366 0.0811 0.1227 0.0088  0.0137  -0.0129 101 18Y B O1    
109 C "C7'" . 18Y C . ? 0.2968 0.1233 0.2810 -0.0403 0.0076  -0.0357 101 18Y B "C7'" 
110 O "O7'" . 18Y C . ? 0.3664 0.2520 0.3917 -0.0549 -0.0135 -0.0022 101 18Y B "O7'" 
111 C "C8'" . 18Y C . ? 0.5589 0.2181 0.4270 -0.0500 0.0613  -0.0720 101 18Y B "C8'" 
112 C C1    . 18Y C . ? 0.1158 0.0976 0.0944 -0.0207 -0.0102 0.0176  101 18Y B C1    
113 C C2    . 18Y C . ? 0.1274 0.0804 0.1924 0.0077  0.0333  0.0034  101 18Y B C2    
114 C C4    . 18Y C . ? 0.0885 0.1077 0.1190 0.0094  -0.0107 0.0024  101 18Y B C4    
115 C C6    . 18Y C . ? 0.0997 0.0984 0.2139 0.0026  0.0349  0.0168  101 18Y B C6    
116 C C7    . 18Y C . ? 0.1016 0.1058 0.1567 -0.0021 0.0032  -0.0046 101 18Y B C7    
117 O O8    . 18Y C . ? 0.0888 0.0890 0.1415 -0.0070 0.0008  0.0016  101 18Y B O8    
118 C C8    . 18Y C . ? 0.0679 0.0976 0.1123 -0.0017 -0.0228 0.0252  101 18Y B C8    
119 O O9    . 18Y C . ? 0.1146 0.0738 0.1188 0.0023  0.0076  -0.0008 101 18Y B O9    
120 C C9    . 18Y C . ? 0.0893 0.0711 0.0958 0.0031  -0.0132 0.0106  101 18Y B C9    
121 O O10   . 18Y C . ? 0.1090 0.0935 0.0921 0.0068  -0.0136 -0.0080 101 18Y B O10   
122 C C19   . 18Y C . ? 0.0782 0.0920 0.0774 0.0097  -0.0287 0.0084  101 18Y B C19   
123 O O11   . 18Y C . ? 0.1202 0.1193 0.1743 -0.0366 0.0122  0.0101  101 18Y B O11   
124 C C11   . 18Y C . ? 0.1022 0.1051 0.1972 -0.0189 0.0220  0.0285  101 18Y B C11   
125 O O12   . 18Y C . ? 0.1397 0.1087 0.1895 -0.0472 0.0102  0.0074  101 18Y B O12   
126 C C12   . 18Y C . ? 0.1236 0.1108 0.1648 -0.0342 0.0021  0.0131  101 18Y B C12   
127 O O13   . 18Y C . ? 0.1461 0.0877 0.1405 -0.0226 0.0008  0.0101  101 18Y B O13   
128 C C13   . 18Y C . ? 0.1055 0.0862 0.1525 -0.0087 0.0019  0.0200  101 18Y B C13   
129 O O14   . 18Y C . ? 0.1511 0.0572 0.1307 0.0168  0.0120  -0.0024 101 18Y B O14   
130 C C14   . 18Y C . ? 0.1160 0.0815 0.1393 -0.0222 0.0024  0.0044  101 18Y B C14   
131 C C15   . 18Y C . ? 0.1434 0.0713 0.1668 -0.0065 0.0209  0.0019  101 18Y B C15   
132 C C25   . 18Y C . ? 0.1404 0.0911 0.1595 -0.0103 0.0285  0.0125  101 18Y B C25   
133 O "O1'" . 18Y C . ? 0.2261 0.1176 0.1764 0.0005  -0.0381 0.0246  101 18Y B "O1'" 
134 C "C1'" . 18Y C . ? 0.2176 0.0646 0.1752 -0.0486 0.0355  0.0102  101 18Y B "C1'" 
135 C "C2'" . 18Y C . ? 0.2164 0.1462 0.1816 0.0065  0.0133  -0.0127 101 18Y B "C2'" 
136 O "O3'" . 18Y C . ? 0.2227 0.1408 0.2253 -0.0042 0.0202  0.0073  101 18Y B "O3'" 
137 C "C3'" . 18Y C . ? 0.2748 0.0745 0.1997 -0.0530 0.0451  0.0135  101 18Y B "C3'" 
138 O "O4'" . 18Y C . ? 0.3491 0.1828 0.2067 -0.0221 0.0284  -0.0067 101 18Y B "O4'" 
139 C "C4'" . 18Y C . ? 0.2458 0.1451 0.2579 0.0146  -0.0212 -0.0121 101 18Y B "C4'" 
140 C "C5'" . 18Y C . ? 0.2625 0.0925 0.1969 -0.0561 0.0183  0.0031  101 18Y B "C5'" 
141 C "C6'" . 18Y C . ? 0.2495 0.2055 0.3485 0.0464  -0.0967 -0.1043 101 18Y B "C6'" 
142 C C20   . 18Y C . ? 0.1011 0.0928 0.0790 0.0194  -0.0188 -0.0015 101 18Y B C20   
143 C C21   . 18Y C . ? 0.1205 0.0783 0.0936 0.0146  -0.0149 0.0117  101 18Y B C21   
144 C C18   . 18Y C . ? 0.1363 0.1042 0.3230 0.0138  0.0953  0.0184  101 18Y B C18   
145 C C22   . 18Y C . ? 0.1017 0.0887 0.0807 0.0126  -0.0294 -0.0002 101 18Y B C22   
146 C C23   . 18Y C . ? 0.0910 0.0989 0.1016 0.0089  -0.0148 0.0134  101 18Y B C23   
147 C C24   . 18Y C . ? 0.1385 0.1230 0.1238 0.0029  0.0022  -0.0130 101 18Y B C24   
148 O O26   . 18Y C . ? 0.2925 0.2411 0.2661 -0.1213 0.0522  0.0561  101 18Y B O26   
149 C C27   . 18Y C . ? 0.2321 0.2379 0.2175 -0.0557 -0.0190 0.0727  101 18Y B C27   
150 C C28   . 18Y C . ? 0.3700 0.1182 0.1924 -0.0207 -0.0619 0.0338  101 18Y B C28   
151 C C17   . 18Y C . ? 0.0898 0.0646 0.1390 0.0207  0.0226  -0.0139 101 18Y B C17   
152 O O16   . 18Y C . ? 0.2536 0.0895 0.1886 -0.0159 0.0386  0.0051  101 18Y B O16   
190 N N9    . GUN D . ? 0.0623 0.0565 0.1308 0.0024  0.0214  -0.0263 102 GUN B N9    
191 C C8    . GUN D . ? 0.0710 0.0753 0.1024 0.0140  0.0135  -0.0132 102 GUN B C8    
192 N N7    . GUN D . ? 0.0579 0.0735 0.1149 -0.0023 0.0166  -0.0141 102 GUN B N7    
193 C C5    . GUN D . ? 0.0613 0.0600 0.0679 0.0070  -0.0061 -0.0146 102 GUN B C5    
194 C C6    . GUN D . ? 0.0658 0.0797 0.0768 0.0069  0.0042  0.0011  102 GUN B C6    
195 O O6    . GUN D . ? 0.0547 0.0725 0.0928 0.0001  0.0127  -0.0284 102 GUN B O6    
196 N N1    . GUN D . ? 0.0577 0.0602 0.0593 0.0034  0.0115  -0.0266 102 GUN B N1    
197 C C2    . GUN D . ? 0.0858 0.0855 0.0586 0.0094  0.0044  -0.0057 102 GUN B C2    
198 N N2    . GUN D . ? 0.0661 0.0624 0.0784 0.0035  0.0231  -0.0192 102 GUN B N2    
199 N N3    . GUN D . ? 0.0644 0.0548 0.0871 0.0047  0.0158  -0.0197 102 GUN B N3    
200 C C4    . GUN D . ? 0.0516 0.0806 0.0675 0.0018  -0.0041 -0.0067 102 GUN B C4    
205 C C3    . 18Y E . ? 0.1050 0.1018 0.2097 -0.0089 -0.0627 0.0095  101 18Y C C3    
206 C C5    . 18Y E . ? 0.0881 0.1240 0.1005 0.0279  0.0331  0.0102  101 18Y C C5    
207 O O1    . 18Y E . ? 0.1139 0.0836 0.1477 -0.0182 -0.0028 0.0094  101 18Y C O1    
208 C "C7'" . 18Y E . ? 0.1694 0.2240 0.2229 0.0372  -0.0282 0.0168  101 18Y C "C7'" 
209 O "O7'" . 18Y E . ? 0.3664 0.2520 0.3917 -0.0549 -0.0135 -0.0022 101 18Y C "O7'" 
210 C "C8'" . 18Y E . ? 0.2435 0.1845 0.3732 -0.0497 0.0866  0.0072  101 18Y C "C8'" 
211 C C1    . 18Y E . ? 0.0992 0.0793 0.0762 0.0063  -0.0404 -0.0072 101 18Y C C1    
212 C C2    . 18Y E . ? 0.1195 0.0839 0.1503 -0.0226 -0.0128 0.0264  101 18Y C C2    
213 C C4    . 18Y E . ? 0.1076 0.1234 0.0833 -0.0106 -0.0152 0.0243  101 18Y C C4    
214 C C6    . 18Y E . ? 0.1081 0.1052 0.1031 -0.0068 0.0252  0.0070  101 18Y C C6    
215 C C7    . 18Y E . ? 0.0828 0.0906 0.0940 0.0104  0.0115  -0.0110 101 18Y C C7    
216 O O8    . 18Y E . ? 0.0955 0.0900 0.1225 0.0036  0.0479  -0.0235 101 18Y C O8    
217 C C8    . 18Y E . ? 0.0903 0.0873 0.0636 -0.0063 0.0062  -0.0093 101 18Y C C8    
218 O O9    . 18Y E . ? 0.1008 0.0767 0.1123 0.0137  0.0112  -0.0077 101 18Y C O9    
219 C C9    . 18Y E . ? 0.1010 0.0832 0.0681 -0.0035 -0.0121 -0.0062 101 18Y C C9    
220 O O10   . 18Y E . ? 0.0961 0.1252 0.0867 -0.0147 -0.0087 0.0036  101 18Y C O10   
221 C C19   . 18Y E . ? 0.0719 0.1289 0.0710 0.0077  0.0025  0.0121  101 18Y C C19   
222 O O11   . 18Y E . ? 0.1090 0.0754 0.1309 0.0117  0.0293  -0.0018 101 18Y C O11   
223 C C11   . 18Y E . ? 0.1012 0.0800 0.0872 0.0008  0.0197  -0.0086 101 18Y C C11   
224 O O12   . 18Y E . ? 0.1141 0.0765 0.1170 -0.0044 0.0196  -0.0200 101 18Y C O12   
225 C C12   . 18Y E . ? 0.0822 0.0716 0.1015 0.0011  0.0143  -0.0157 101 18Y C C12   
226 O O13   . 18Y E . ? 0.0862 0.0895 0.1186 0.0156  0.0332  0.0117  101 18Y C O13   
227 C C13   . 18Y E . ? 0.0910 0.0766 0.1109 -0.0038 0.0387  -0.0099 101 18Y C C13   
228 O O14   . 18Y E . ? 0.1045 0.0687 0.1134 0.0024  0.0500  -0.0037 101 18Y C O14   
229 C C14   . 18Y E . ? 0.0746 0.0671 0.1088 0.0024  0.0214  -0.0108 101 18Y C C14   
230 C C15   . 18Y E . ? 0.0879 0.0739 0.1074 0.0019  0.0264  -0.0093 101 18Y C C15   
231 C C25   . 18Y E . ? 0.1404 0.0911 0.1595 -0.0103 0.0285  0.0125  101 18Y C C25   
232 O "O1'" . 18Y E . ? 0.1941 0.1237 0.1122 -0.0142 0.0360  -0.0001 101 18Y C "O1'" 
233 C "C1'" . 18Y E . ? 0.1473 0.1159 0.1178 0.0074  0.0213  0.0207  101 18Y C "C1'" 
234 C "C2'" . 18Y E . ? 0.1099 0.1210 0.1645 0.0237  0.0221  0.0020  101 18Y C "C2'" 
235 O "O3'" . 18Y E . ? 0.2057 0.1655 0.2415 -0.0051 0.0099  0.0118  101 18Y C "O3'" 
236 C "C3'" . 18Y E . ? 0.1702 0.1314 0.2001 0.0206  0.0068  0.0299  101 18Y C "C3'" 
237 O "O4'" . 18Y E . ? 0.2238 0.2453 0.2121 0.0473  -0.0184 0.0382  101 18Y C "O4'" 
238 C "C4'" . 18Y E . ? 0.2761 0.1807 0.2107 -0.0514 0.0232  0.0001  101 18Y C "C4'" 
239 C "C5'" . 18Y E . ? 0.1586 0.1558 0.1753 0.0216  -0.0090 -0.0178 101 18Y C "C5'" 
240 C "C6'" . 18Y E . ? 0.3277 0.2185 0.1758 -0.0915 0.0295  -0.0398 101 18Y C "C6'" 
241 C C20   . 18Y E . ? 0.0978 0.0983 0.0648 -0.0078 -0.0067 0.0014  101 18Y C C20   
242 C C21   . 18Y E . ? 0.0971 0.1018 0.0693 -0.0098 -0.0183 0.0137  101 18Y C C21   
243 C C18   . 18Y E . ? 0.1085 0.1257 0.1529 0.0259  0.0310  0.0130  101 18Y C C18   
244 C C22   . 18Y E . ? 0.0785 0.0923 0.0734 0.0057  0.0204  -0.0039 101 18Y C C22   
245 C C23   . 18Y E . ? 0.0985 0.0901 0.0703 -0.0034 -0.0109 0.0069  101 18Y C C23   
246 C C24   . 18Y E . ? 0.1096 0.1923 0.0789 0.0220  0.0199  0.0219  101 18Y C C24   
247 O O26   . 18Y E . ? 0.2536 0.0895 0.1886 -0.0159 0.0386  0.0051  101 18Y C O26   
248 C C27   . 18Y E . ? 0.3700 0.1182 0.1924 -0.0207 -0.0619 0.0338  101 18Y C C27   
249 C C28   . 18Y E . ? 0.2321 0.2379 0.2175 -0.0557 -0.0190 0.0727  101 18Y C C28   
250 C C17   . 18Y E . ? 0.0927 0.0643 0.1173 -0.0036 0.0341  -0.0281 101 18Y C C17   
251 O O16   . 18Y E . ? 0.1512 0.0888 0.1386 -0.0023 0.0235  0.0171  101 18Y C O16   
289 N N9    . GUN F . ? 0.0737 0.1022 0.1039 0.0129  0.0211  -0.0302 102 GUN C N9    
290 C C8    . GUN F . ? 0.0903 0.0819 0.1344 -0.0136 0.0497  -0.0322 102 GUN C C8    
291 N N7    . GUN F . ? 0.0673 0.0772 0.0831 -0.0081 0.0280  -0.0116 102 GUN C N7    
292 C C5    . GUN F . ? 0.0574 0.0809 0.0546 0.0076  0.0009  -0.0189 102 GUN C C5    
293 C C6    . GUN F . ? 0.0522 0.0675 0.0567 -0.0015 -0.0008 -0.0038 102 GUN C C6    
294 O O6    . GUN F . ? 0.0797 0.0646 0.0848 0.0139  0.0244  -0.0045 102 GUN C O6    
295 N N1    . GUN F . ? 0.0665 0.0848 0.0823 0.0105  0.0009  -0.0004 102 GUN C N1    
296 C C2    . GUN F . ? 0.0504 0.0714 0.0737 -0.0116 0.0101  -0.0077 102 GUN C C2    
297 N N2    . GUN F . ? 0.0574 0.0865 0.1187 0.0240  0.0032  -0.0018 102 GUN C N2    
298 N N3    . GUN F . ? 0.0679 0.0974 0.0852 0.0088  0.0020  -0.0171 102 GUN C N3    
299 C C4    . GUN F . ? 0.0474 0.0832 0.0832 -0.0097 0.0115  -0.0090 102 GUN C C4    
304 C C3    . 18Y G . ? 0.1363 0.1020 0.1189 -0.0194 0.0341  -0.0070 101 18Y D C3    
305 C C5    . 18Y G . ? 0.1027 0.1118 0.1220 0.0132  0.0084  0.0131  101 18Y D C5    
306 O O1    . 18Y G . ? 0.1207 0.1020 0.1211 -0.0013 0.0309  -0.0383 101 18Y D O1    
307 C "C7'" . 18Y G . ? 0.2606 0.1406 0.2853 -0.0418 0.0458  -0.0797 101 18Y D "C7'" 
308 O "O7'" . 18Y G . ? 0.3481 0.2568 0.3602 -0.0918 0.0335  -0.0600 101 18Y D "O7'" 
309 C "C8'" . 18Y G . ? 0.3280 0.2053 0.3462 -0.0608 0.0299  -0.0915 101 18Y D "C8'" 
310 C C1    . 18Y G . ? 0.1181 0.1025 0.0719 -0.0052 -0.0151 0.0075  101 18Y D C1    
311 C C2    . 18Y G . ? 0.1141 0.0950 0.1209 -0.0003 -0.0018 -0.0320 101 18Y D C2    
312 C C4    . 18Y G . ? 0.1145 0.0943 0.0994 0.0183  -0.0123 -0.0043 101 18Y D C4    
313 C C6    . 18Y G . ? 0.0761 0.1051 0.1380 0.0197  0.0061  0.0165  101 18Y D C6    
314 C C7    . 18Y G . ? 0.0923 0.1018 0.1446 -0.0161 -0.0193 0.0047  101 18Y D C7    
315 O O8    . 18Y G . ? 0.0940 0.0794 0.1660 -0.0104 -0.0101 0.0059  101 18Y D O8    
316 C C8    . 18Y G . ? 0.0736 0.0888 0.1148 0.0090  -0.0133 -0.0077 101 18Y D C8    
317 O O9    . 18Y G . ? 0.0861 0.0928 0.1367 0.0107  0.0134  -0.0234 101 18Y D O9    
318 C C9    . 18Y G . ? 0.0877 0.0907 0.0951 0.0034  -0.0160 -0.0005 101 18Y D C9    
319 O O10   . 18Y G . ? 0.1140 0.0838 0.0836 0.0002  -0.0116 -0.0087 101 18Y D O10   
320 C C19   . 18Y G . ? 0.0944 0.0861 0.0676 0.0205  -0.0169 -0.0081 101 18Y D C19   
321 O O11   . 18Y G . ? 0.1242 0.1209 0.1806 -0.0052 0.0245  0.0244  101 18Y D O11   
322 C C11   . 18Y G . ? 0.0957 0.1115 0.1580 0.0007  -0.0162 0.0156  101 18Y D C11   
323 O O12   . 18Y G . ? 0.1066 0.1101 0.1845 -0.0216 -0.0050 0.0142  101 18Y D O12   
324 C C12   . 18Y G . ? 0.1057 0.0944 0.1620 -0.0106 -0.0116 0.0175  101 18Y D C12   
325 O O13   . 18Y G . ? 0.1084 0.0910 0.1590 -0.0131 -0.0159 -0.0013 101 18Y D O13   
326 C C13   . 18Y G . ? 0.1001 0.0727 0.1744 -0.0102 -0.0147 -0.0035 101 18Y D C13   
327 O O14   . 18Y G . ? 0.0991 0.0769 0.2072 0.0128  0.0084  0.0156  101 18Y D O14   
328 C C14   . 18Y G . ? 0.1004 0.0762 0.1584 -0.0069 -0.0048 0.0036  101 18Y D C14   
329 C C15   . 18Y G . ? 0.1102 0.0985 0.1700 -0.0046 -0.0014 0.0275  101 18Y D C15   
330 C C25   . 18Y G . ? 0.1404 0.0911 0.1595 -0.0103 0.0285  0.0125  101 18Y D C25   
331 O "O1'" . 18Y G . ? 0.1825 0.1135 0.1783 0.0023  -0.0386 0.0141  101 18Y D "O1'" 
332 C "C1'" . 18Y G . ? 0.1729 0.0676 0.1492 -0.0391 -0.0040 0.0190  101 18Y D "C1'" 
333 C "C2'" . 18Y G . ? 0.1814 0.0850 0.1706 -0.0010 0.0160  0.0068  101 18Y D "C2'" 
334 O "O3'" . 18Y G . ? 0.2469 0.1089 0.2564 0.0129  0.0424  0.0145  101 18Y D "O3'" 
335 C "C3'" . 18Y G . ? 0.2223 0.0989 0.2244 -0.0434 0.0731  -0.0104 101 18Y D "C3'" 
336 O "O4'" . 18Y G . ? 0.3089 0.1794 0.2428 -0.0469 0.0436  -0.0425 101 18Y D "O4'" 
337 C "C4'" . 18Y G . ? 0.1938 0.1512 0.2511 -0.0093 -0.0097 -0.0311 101 18Y D "C4'" 
338 C "C5'" . 18Y G . ? 0.1908 0.0991 0.2236 -0.0584 0.0013  -0.0597 101 18Y D "C5'" 
339 C "C6'" . 18Y G . ? 0.2440 0.2577 0.4956 0.0657  -0.1649 -0.1741 101 18Y D "C6'" 
340 C C20   . 18Y G . ? 0.0984 0.0938 0.0739 0.0125  -0.0114 -0.0162 101 18Y D C20   
341 C C21   . 18Y G . ? 0.1229 0.0855 0.0815 -0.0008 0.0041  -0.0024 101 18Y D C21   
342 C C18   . 18Y G . ? 0.1221 0.1259 0.1664 -0.0098 0.0231  0.0201  101 18Y D C18   
343 C C22   . 18Y G . ? 0.0792 0.0813 0.0913 0.0067  -0.0152 -0.0002 101 18Y D C22   
344 C C23   . 18Y G . ? 0.0741 0.1034 0.0858 0.0038  -0.0225 -0.0012 101 18Y D C23   
345 C C24   . 18Y G . ? 0.1369 0.1341 0.1057 0.0011  0.0154  -0.0377 101 18Y D C24   
346 O O26   A 18Y G . ? 0.2536 0.0895 0.1886 -0.0159 0.0386  0.0051  101 18Y D O26   
347 O O26   B 18Y G . ? 0.1609 0.3807 0.2790 -0.1430 -0.0443 0.2222  101 18Y D O26   
348 C C27   . 18Y G . ? 0.2321 0.2379 0.2175 -0.0557 -0.0190 0.0727  101 18Y D C27   
349 C C28   . 18Y G . ? 0.3700 0.1182 0.1924 -0.0207 -0.0619 0.0338  101 18Y D C28   
350 C C17   . 18Y G . ? 0.0786 0.1010 0.1530 -0.0059 0.0184  0.0036  101 18Y D C17   
351 O O16   A 18Y G . ? 0.2536 0.0895 0.1886 -0.0159 0.0386  0.0051  101 18Y D O16   
352 O O16   B 18Y G . ? 0.1140 0.0838 0.0836 0.0002  -0.0116 -0.0087 101 18Y D O16   
390 N N9    . GUN H . ? 0.0550 0.1157 0.0903 0.0222  0.0034  -0.0392 102 GUN D N9    
391 C C8    . GUN H . ? 0.0713 0.0932 0.1169 0.0120  0.0167  -0.0276 102 GUN D C8    
392 N N7    . GUN H . ? 0.0565 0.0948 0.0948 0.0127  0.0039  -0.0289 102 GUN D N7    
393 C C5    . GUN H . ? 0.0455 0.1025 0.0556 0.0140  -0.0120 -0.0155 102 GUN D C5    
394 C C6    . GUN H . ? 0.0492 0.0966 0.0802 0.0136  -0.0081 -0.0181 102 GUN D C6    
395 O O6    . GUN H . ? 0.0474 0.1103 0.1042 0.0025  0.0190  -0.0305 102 GUN D O6    
396 N N1    . GUN H . ? 0.0451 0.1006 0.0544 0.0134  0.0035  -0.0342 102 GUN D N1    
397 C C2    . GUN H . ? 0.0549 0.0828 0.0592 0.0059  -0.0011 -0.0252 102 GUN D C2    
398 N N2    . GUN H . ? 0.0500 0.1142 0.0723 0.0054  0.0281  -0.0348 102 GUN D N2    
399 N N3    . GUN H . ? 0.0467 0.1161 0.0648 0.0085  0.0146  -0.0319 102 GUN D N3    
400 C C4    . GUN H . ? 0.0573 0.0954 0.0543 0.0152  0.0004  -0.0242 102 GUN D C4    
405 S S     . DMS I . ? 0.2302 0.2037 0.2322 0.0015  -0.0226 -0.0060 106 DMS C S     
406 O O     . DMS I . ? 0.2580 0.2616 0.2266 -0.0682 -0.0163 0.0945  106 DMS C O     
407 C C1    . DMS I . ? 0.1314 0.2306 0.2103 -0.0368 0.0344  0.0485  106 DMS C C1    
408 C C2    . DMS I . ? 0.1704 0.2187 0.2088 -0.0589 0.0138  0.0750  106 DMS C C2    
415 S S     . DMS J . ? 0.2457 0.3273 0.1805 -0.0832 -0.0366 0.0540  107 DMS C S     
416 O O     . DMS J . ? 0.5076 0.2860 0.2949 -0.0029 -0.1843 0.0441  107 DMS C O     
417 C C1    . DMS J . ? 0.3176 0.1926 0.2428 0.1292  -0.0966 -0.0155 107 DMS C C1    
418 C C2    . DMS J . ? 0.1992 0.2107 0.1733 0.0014  0.0160  0.0152  107 DMS C C2    
425 S S     A DMS K . ? 0.2302 0.2037 0.2322 0.0015  -0.0226 -0.0060 108 DMS D S     
426 S S     B DMS K . ? 0.2302 0.2037 0.2322 0.0015  -0.0226 -0.0060 108 DMS D S     
427 O O     A DMS K . ? 0.2580 0.2616 0.2266 -0.0682 -0.0163 0.0945  108 DMS D O     
428 O O     B DMS K . ? 0.2580 0.2616 0.2266 -0.0682 -0.0163 0.0945  108 DMS D O     
429 C C1    A DMS K . ? 0.1314 0.2306 0.2103 -0.0368 0.0344  0.0485  108 DMS D C1    
430 C C1    B DMS K . ? 0.1314 0.2306 0.2103 -0.0368 0.0344  0.0485  108 DMS D C1    
431 C C2    A DMS K . ? 0.1704 0.2187 0.2088 -0.0589 0.0138  0.0750  108 DMS D C2    
432 C C2    B DMS K . ? 0.1704 0.2187 0.2088 -0.0589 0.0138  0.0750  108 DMS D C2    
# 
